data_7FT8
#
_entry.id   7FT8
#
_cell.length_a   81.383
_cell.length_b   49.625
_cell.length_c   115.378
_cell.angle_alpha   90.000
_cell.angle_beta   95.420
_cell.angle_gamma   90.000
#
_symmetry.space_group_name_H-M   'P 1 21 1'
#
loop_
_entity.id
_entity.type
_entity.pdbx_description
1 polymer Syntenin-1
2 non-polymer 1,2-ETHANEDIOL
3 non-polymer 'D-GLUTAMIC ACID'
4 non-polymer 2-(4-bromo-1H-pyrazol-1-yl)ethan-1-ol
5 non-polymer GLYCINE
6 non-polymer 'SULFATE ION'
7 non-polymer ALANINE
8 water water
#
_entity_poly.entity_id   1
_entity_poly.type   'polypeptide(L)'
_entity_poly.pdbx_seq_one_letter_code
;SMAEIKQGIREVILCKDQDGKIGLRLKSIDNGIFVQLVQANSPASLVGLRFGDQVLQINGENCAGWSSDKAHKVLKQAFG
EKITMTIRDRPFERTITMHKDSTGHVGFIFKNGKITSIVKDSSAARNGLLTEHNICEINGQNVIGLKDSQIADILSTSGT
VVTITIMPAFIFEHIIKRMAPSIMKSLMDHTIPEV
;
_entity_poly.pdbx_strand_id   A,B,C,D
#
# COMPACT_ATOMS: atom_id res chain seq x y z
N ILE A 5 -12.24 25.22 0.14
CA ILE A 5 -11.49 24.27 1.03
C ILE A 5 -11.86 24.61 2.47
N LYS A 6 -12.90 23.93 2.98
CA LYS A 6 -13.69 24.40 4.11
C LYS A 6 -12.95 24.20 5.45
N GLN A 7 -13.71 24.29 6.56
CA GLN A 7 -13.15 24.32 7.91
C GLN A 7 -12.95 22.90 8.44
N GLY A 8 -13.29 21.91 7.60
CA GLY A 8 -12.91 20.54 7.84
C GLY A 8 -14.01 19.57 7.38
N ILE A 9 -14.69 18.98 8.36
CA ILE A 9 -15.44 17.75 8.21
C ILE A 9 -16.91 18.10 7.97
N ARG A 10 -17.61 17.29 7.16
CA ARG A 10 -19.05 17.41 7.01
C ARG A 10 -19.66 16.03 6.80
N GLU A 11 -20.93 15.90 7.18
CA GLU A 11 -21.68 14.68 7.01
C GLU A 11 -22.56 14.85 5.77
N VAL A 12 -22.56 13.85 4.89
CA VAL A 12 -23.51 13.83 3.77
C VAL A 12 -24.25 12.49 3.78
N ILE A 13 -25.48 12.50 3.30
CA ILE A 13 -26.31 11.30 3.35
C ILE A 13 -26.81 11.04 1.93
N LEU A 14 -26.73 9.76 1.51
CA LEU A 14 -26.91 9.40 0.10
C LEU A 14 -28.04 8.40 -0.07
N CYS A 15 -28.55 8.34 -1.31
CA CYS A 15 -29.51 7.33 -1.76
C CYS A 15 -29.19 6.85 -3.18
N LYS A 16 -28.90 5.54 -3.29
CA LYS A 16 -28.65 4.86 -4.56
C LYS A 16 -29.79 5.08 -5.56
N ASP A 17 -29.45 5.41 -6.81
CA ASP A 17 -30.44 5.62 -7.86
C ASP A 17 -31.10 4.28 -8.21
N GLN A 18 -32.10 4.34 -9.10
CA GLN A 18 -32.88 3.18 -9.50
C GLN A 18 -31.98 2.01 -9.87
N ASP A 19 -30.74 2.31 -10.30
CA ASP A 19 -29.84 1.32 -10.88
C ASP A 19 -28.96 0.69 -9.80
N GLY A 20 -28.96 1.25 -8.59
CA GLY A 20 -28.05 0.84 -7.52
C GLY A 20 -26.70 1.54 -7.63
N LYS A 21 -26.71 2.75 -8.17
CA LYS A 21 -25.53 3.53 -8.46
C LYS A 21 -25.55 4.82 -7.64
N ILE A 22 -24.41 5.17 -7.04
CA ILE A 22 -24.27 6.45 -6.34
C ILE A 22 -23.46 7.42 -7.21
N GLY A 23 -22.62 6.89 -8.10
CA GLY A 23 -21.99 7.72 -9.12
C GLY A 23 -20.55 8.11 -8.77
N LEU A 24 -19.86 7.22 -8.06
CA LEU A 24 -18.60 7.53 -7.42
C LEU A 24 -17.59 6.43 -7.68
N ARG A 25 -16.32 6.82 -7.90
CA ARG A 25 -15.16 5.94 -7.75
C ARG A 25 -14.19 6.52 -6.72
N LEU A 26 -13.54 5.60 -5.99
CA LEU A 26 -12.71 5.91 -4.84
C LEU A 26 -11.30 5.37 -5.09
N LYS A 27 -10.28 6.10 -4.63
CA LYS A 27 -8.91 5.60 -4.67
C LYS A 27 -8.21 5.76 -3.31
N SER A 28 -7.44 4.71 -2.95
CA SER A 28 -6.67 4.66 -1.72
C SER A 28 -5.36 5.41 -1.92
N ILE A 29 -5.13 6.43 -1.07
CA ILE A 29 -3.98 7.34 -1.12
C ILE A 29 -3.48 7.60 0.30
N ASP A 30 -2.20 7.30 0.57
CA ASP A 30 -1.59 7.57 1.87
C ASP A 30 -2.49 7.06 3.00
N ASN A 31 -3.04 5.86 2.82
CA ASN A 31 -3.88 5.21 3.83
C ASN A 31 -5.13 6.02 4.16
N GLY A 32 -5.50 6.92 3.23
CA GLY A 32 -6.84 7.47 3.19
C GLY A 32 -7.64 6.91 2.00
N ILE A 33 -8.93 7.20 1.99
CA ILE A 33 -9.72 7.04 0.77
C ILE A 33 -10.11 8.44 0.29
N PHE A 34 -9.88 8.68 -1.01
CA PHE A 34 -10.19 9.93 -1.69
C PHE A 34 -11.08 9.70 -2.91
N VAL A 35 -11.85 10.75 -3.29
CA VAL A 35 -12.79 10.72 -4.42
C VAL A 35 -12.02 10.83 -5.72
N GLN A 36 -12.11 9.80 -6.58
CA GLN A 36 -11.42 9.77 -7.86
C GLN A 36 -12.29 10.37 -8.96
N LEU A 37 -13.61 10.19 -8.85
CA LEU A 37 -14.47 10.53 -9.97
C LEU A 37 -15.90 10.66 -9.47
N VAL A 38 -16.55 11.75 -9.86
CA VAL A 38 -17.95 11.95 -9.54
C VAL A 38 -18.73 12.03 -10.85
N GLN A 39 -19.68 11.09 -11.00
CA GLN A 39 -20.52 10.95 -12.18
C GLN A 39 -21.60 12.03 -12.21
N ALA A 40 -21.69 12.74 -13.34
CA ALA A 40 -22.72 13.75 -13.59
C ALA A 40 -24.12 13.19 -13.36
N ASN A 41 -24.97 13.98 -12.68
CA ASN A 41 -26.35 13.64 -12.38
C ASN A 41 -26.45 12.37 -11.54
N SER A 42 -25.47 12.12 -10.67
CA SER A 42 -25.57 10.96 -9.79
C SER A 42 -25.98 11.41 -8.39
N PRO A 43 -26.40 10.47 -7.52
CA PRO A 43 -26.60 10.80 -6.11
C PRO A 43 -25.40 11.52 -5.51
N ALA A 44 -24.19 11.03 -5.77
CA ALA A 44 -23.00 11.60 -5.16
C ALA A 44 -22.86 13.07 -5.56
N SER A 45 -23.19 13.39 -6.81
CA SER A 45 -23.07 14.76 -7.30
C SER A 45 -24.05 15.70 -6.59
N LEU A 46 -25.26 15.20 -6.28
CA LEU A 46 -26.33 16.05 -5.79
C LEU A 46 -26.02 16.54 -4.39
N VAL A 47 -25.55 15.61 -3.56
CA VAL A 47 -25.18 15.90 -2.19
C VAL A 47 -23.85 16.63 -2.17
N GLY A 48 -23.19 16.67 -3.33
CA GLY A 48 -22.14 17.64 -3.61
C GLY A 48 -20.74 17.14 -3.34
N LEU A 49 -20.52 15.81 -3.33
CA LEU A 49 -19.18 15.23 -3.32
C LEU A 49 -18.39 15.76 -4.51
N ARG A 50 -17.08 15.97 -4.30
CA ARG A 50 -16.22 16.61 -5.29
C ARG A 50 -14.95 15.77 -5.46
N PHE A 51 -14.30 15.97 -6.60
CA PHE A 51 -12.97 15.42 -6.85
C PHE A 51 -12.00 15.84 -5.76
N GLY A 52 -11.27 14.85 -5.21
CA GLY A 52 -10.23 15.12 -4.25
C GLY A 52 -10.72 15.16 -2.81
N ASP A 53 -12.05 15.15 -2.60
CA ASP A 53 -12.61 15.05 -1.27
C ASP A 53 -12.11 13.76 -0.62
N GLN A 54 -12.06 13.77 0.72
CA GLN A 54 -11.65 12.61 1.49
C GLN A 54 -12.85 11.96 2.18
N VAL A 55 -12.88 10.63 2.20
CA VAL A 55 -13.91 9.88 2.90
C VAL A 55 -13.31 9.34 4.20
N LEU A 56 -13.82 9.87 5.33
CA LEU A 56 -13.33 9.46 6.65
C LEU A 56 -14.10 8.24 7.11
N GLN A 57 -15.44 8.33 7.11
CA GLN A 57 -16.27 7.16 7.37
C GLN A 57 -17.31 6.94 6.26
N ILE A 58 -17.75 5.67 6.20
CA ILE A 58 -18.86 5.19 5.39
C ILE A 58 -19.78 4.43 6.33
N ASN A 59 -20.91 5.06 6.72
CA ASN A 59 -21.83 4.54 7.72
C ASN A 59 -21.13 4.35 9.07
N GLY A 60 -20.21 5.26 9.40
CA GLY A 60 -19.51 5.23 10.67
C GLY A 60 -18.52 4.07 10.81
N GLU A 61 -18.03 3.52 9.69
CA GLU A 61 -16.82 2.71 9.70
C GLU A 61 -15.64 3.55 9.20
N ASN A 62 -14.51 3.51 9.91
CA ASN A 62 -13.37 4.31 9.52
C ASN A 62 -12.77 3.72 8.24
N CYS A 63 -12.45 4.57 7.28
CA CYS A 63 -11.99 4.12 5.97
C CYS A 63 -10.48 3.90 5.96
N ALA A 64 -9.75 4.42 6.94
CA ALA A 64 -8.30 4.49 6.80
C ALA A 64 -7.71 3.08 6.65
N GLY A 65 -6.78 2.92 5.70
CA GLY A 65 -6.16 1.65 5.44
C GLY A 65 -7.03 0.65 4.67
N TRP A 66 -8.11 1.12 4.03
CA TRP A 66 -8.83 0.32 3.05
C TRP A 66 -8.19 0.45 1.67
N SER A 67 -8.27 -0.65 0.89
CA SER A 67 -7.87 -0.66 -0.51
C SER A 67 -8.98 -0.03 -1.37
N SER A 68 -8.60 0.44 -2.57
CA SER A 68 -9.59 0.89 -3.55
C SER A 68 -10.65 -0.19 -3.77
N ASP A 69 -10.23 -1.47 -3.92
CA ASP A 69 -11.20 -2.53 -4.10
C ASP A 69 -12.21 -2.49 -2.96
N LYS A 70 -11.72 -2.56 -1.72
CA LYS A 70 -12.57 -2.78 -0.56
C LYS A 70 -13.59 -1.64 -0.39
N ALA A 71 -13.15 -0.41 -0.71
CA ALA A 71 -14.02 0.75 -0.59
C ALA A 71 -15.29 0.49 -1.41
N HIS A 72 -15.06 -0.01 -2.64
CA HIS A 72 -16.08 -0.34 -3.62
C HIS A 72 -16.95 -1.51 -3.15
N LYS A 73 -16.32 -2.58 -2.64
CA LYS A 73 -17.07 -3.68 -2.05
C LYS A 73 -18.04 -3.13 -1.01
N VAL A 74 -17.53 -2.22 -0.16
CA VAL A 74 -18.31 -1.74 0.98
C VAL A 74 -19.57 -1.07 0.46
N LEU A 75 -19.42 -0.28 -0.60
CA LEU A 75 -20.51 0.55 -1.10
C LEU A 75 -21.69 -0.31 -1.58
N LYS A 76 -21.39 -1.48 -2.19
CA LYS A 76 -22.43 -2.38 -2.65
C LYS A 76 -23.24 -2.91 -1.47
N GLN A 77 -22.62 -3.69 -0.57
CA GLN A 77 -23.34 -4.40 0.48
C GLN A 77 -24.34 -3.51 1.23
N ALA A 78 -24.08 -2.19 1.29
CA ALA A 78 -24.86 -1.30 2.14
C ALA A 78 -26.34 -1.29 1.73
N PHE A 79 -27.23 -1.26 2.74
CA PHE A 79 -28.65 -1.06 2.53
C PHE A 79 -28.86 0.27 1.80
N GLY A 80 -29.50 0.22 0.63
CA GLY A 80 -29.53 1.37 -0.27
C GLY A 80 -30.20 2.59 0.33
N GLU A 81 -31.18 2.36 1.23
CA GLU A 81 -32.06 3.38 1.79
C GLU A 81 -31.29 4.66 2.11
N LYS A 82 -30.26 4.54 2.95
CA LYS A 82 -29.55 5.70 3.47
C LYS A 82 -28.10 5.30 3.71
N ILE A 83 -27.18 6.06 3.11
CA ILE A 83 -25.76 5.90 3.34
C ILE A 83 -25.20 7.23 3.85
N THR A 84 -24.66 7.20 5.08
CA THR A 84 -23.97 8.35 5.66
C THR A 84 -22.47 8.24 5.38
N MET A 85 -21.88 9.38 5.05
CA MET A 85 -20.44 9.49 4.84
C MET A 85 -19.97 10.71 5.63
N THR A 86 -18.73 10.62 6.13
CA THR A 86 -18.06 11.74 6.76
C THR A 86 -16.94 12.19 5.85
N ILE A 87 -16.99 13.46 5.41
CA ILE A 87 -16.14 13.98 4.34
C ILE A 87 -15.19 15.05 4.91
N ARG A 88 -13.93 15.05 4.47
CA ARG A 88 -13.03 16.19 4.65
C ARG A 88 -12.81 16.85 3.28
N ASP A 89 -13.07 18.15 3.17
CA ASP A 89 -13.09 18.83 1.87
C ASP A 89 -11.69 18.95 1.27
N ARG A 90 -11.53 18.35 0.08
CA ARG A 90 -10.42 18.52 -0.86
C ARG A 90 -9.11 18.86 -0.17
N PRO A 91 -8.62 17.99 0.73
CA PRO A 91 -7.46 18.34 1.53
C PRO A 91 -6.19 18.66 0.75
N PHE A 92 -6.00 18.06 -0.44
CA PHE A 92 -4.77 18.24 -1.19
C PHE A 92 -4.85 19.46 -2.13
N GLU A 93 -5.90 20.29 -2.01
CA GLU A 93 -6.10 21.38 -2.96
C GLU A 93 -6.05 22.73 -2.26
N ARG A 94 -5.93 23.80 -3.07
CA ARG A 94 -5.98 25.18 -2.63
C ARG A 94 -6.63 26.06 -3.69
N THR A 95 -7.24 27.18 -3.25
CA THR A 95 -7.92 28.08 -4.17
C THR A 95 -7.17 29.40 -4.22
N ILE A 96 -6.89 29.87 -5.44
CA ILE A 96 -6.27 31.17 -5.69
C ILE A 96 -7.25 32.06 -6.44
N THR A 97 -7.26 33.35 -6.09
CA THR A 97 -8.11 34.34 -6.71
C THR A 97 -7.24 35.32 -7.48
N MET A 98 -7.49 35.40 -8.79
CA MET A 98 -6.80 36.34 -9.66
C MET A 98 -7.81 37.34 -10.23
N HIS A 99 -7.29 38.41 -10.87
CA HIS A 99 -8.08 39.38 -11.63
C HIS A 99 -7.41 39.57 -13.00
N LYS A 100 -8.19 39.47 -14.09
CA LYS A 100 -7.61 39.56 -15.43
C LYS A 100 -7.19 41.00 -15.72
N ASP A 101 -6.14 41.19 -16.53
CA ASP A 101 -5.80 42.52 -17.02
C ASP A 101 -6.77 42.89 -18.15
N SER A 102 -6.63 44.11 -18.69
CA SER A 102 -7.52 44.55 -19.77
C SER A 102 -7.20 43.83 -21.08
N THR A 103 -6.12 43.04 -21.10
CA THR A 103 -5.85 42.10 -22.18
C THR A 103 -6.55 40.76 -21.91
N GLY A 104 -7.24 40.65 -20.77
CA GLY A 104 -8.04 39.47 -20.42
C GLY A 104 -7.20 38.27 -19.99
N HIS A 105 -6.07 38.53 -19.31
CA HIS A 105 -5.12 37.49 -18.92
C HIS A 105 -4.95 37.46 -17.41
N VAL A 106 -4.85 36.26 -16.85
CA VAL A 106 -4.52 36.10 -15.44
C VAL A 106 -3.00 36.02 -15.33
N GLY A 107 -2.38 35.32 -16.28
CA GLY A 107 -0.96 35.44 -16.53
C GLY A 107 -0.21 34.14 -16.27
N PHE A 108 -0.60 33.07 -16.98
CA PHE A 108 0.11 31.80 -16.83
C PHE A 108 -0.10 30.90 -18.04
N ILE A 109 0.71 29.84 -18.10
CA ILE A 109 0.73 28.88 -19.20
C ILE A 109 0.67 27.49 -18.58
N PHE A 110 -0.15 26.64 -19.21
CA PHE A 110 -0.35 25.27 -18.78
C PHE A 110 -0.40 24.33 -19.99
N LYS A 111 -0.39 23.03 -19.71
CA LYS A 111 -0.32 22.01 -20.74
C LYS A 111 -0.71 20.65 -20.13
N ASN A 112 -1.75 20.02 -20.67
CA ASN A 112 -2.36 18.83 -20.09
C ASN A 112 -2.91 19.14 -18.70
N GLY A 113 -3.53 20.31 -18.55
CA GLY A 113 -4.16 20.71 -17.29
C GLY A 113 -3.17 21.24 -16.25
N LYS A 114 -1.87 21.15 -16.55
CA LYS A 114 -0.81 21.43 -15.60
C LYS A 114 -0.09 22.74 -15.95
N ILE A 115 0.05 23.60 -14.96
CA ILE A 115 0.70 24.89 -15.12
C ILE A 115 2.21 24.65 -15.32
N THR A 116 2.82 25.44 -16.21
CA THR A 116 4.20 25.21 -16.61
C THR A 116 5.06 26.47 -16.50
N SER A 117 4.46 27.66 -16.59
CA SER A 117 5.22 28.89 -16.37
C SER A 117 4.31 30.02 -15.90
N ILE A 118 4.89 30.94 -15.12
CA ILE A 118 4.18 32.13 -14.68
C ILE A 118 4.84 33.33 -15.35
N VAL A 119 4.02 34.36 -15.56
CA VAL A 119 4.32 35.46 -16.46
C VAL A 119 4.57 36.72 -15.64
N LYS A 120 5.81 37.21 -15.69
CA LYS A 120 6.23 38.37 -14.93
C LYS A 120 5.11 39.42 -14.90
N ASP A 121 5.00 40.11 -13.75
CA ASP A 121 4.14 41.27 -13.57
C ASP A 121 2.64 40.94 -13.72
N SER A 122 2.26 39.65 -13.67
CA SER A 122 0.87 39.27 -13.78
C SER A 122 0.23 39.12 -12.39
N SER A 123 -1.09 38.89 -12.40
CA SER A 123 -1.84 38.69 -11.16
C SER A 123 -1.54 37.33 -10.58
N ALA A 124 -1.35 36.33 -11.45
CA ALA A 124 -0.96 35.01 -11.02
C ALA A 124 0.40 35.06 -10.30
N ALA A 125 1.27 35.99 -10.74
CA ALA A 125 2.55 36.25 -10.11
C ALA A 125 2.36 36.98 -8.78
N ARG A 126 1.50 38.02 -8.80
CA ARG A 126 1.20 38.79 -7.60
C ARG A 126 0.61 37.89 -6.52
N ASN A 127 -0.13 36.83 -6.93
CA ASN A 127 -0.88 35.96 -6.02
C ASN A 127 -0.15 34.64 -5.73
N GLY A 128 1.02 34.41 -6.35
CA GLY A 128 1.84 33.26 -6.01
C GLY A 128 1.28 31.94 -6.55
N LEU A 129 0.78 31.99 -7.79
CA LEU A 129 0.45 30.76 -8.48
C LEU A 129 1.75 29.99 -8.70
N LEU A 130 1.69 28.67 -8.55
CA LEU A 130 2.86 27.81 -8.60
C LEU A 130 2.78 26.95 -9.85
N THR A 131 3.94 26.55 -10.38
CA THR A 131 3.96 25.62 -11.50
C THR A 131 3.88 24.20 -10.95
N GLU A 132 3.95 23.22 -11.84
CA GLU A 132 3.91 21.81 -11.47
C GLU A 132 2.66 21.48 -10.63
N HIS A 133 1.58 22.22 -10.86
CA HIS A 133 0.30 21.99 -10.21
C HIS A 133 -0.75 21.85 -11.31
N ASN A 134 -1.54 20.78 -11.22
CA ASN A 134 -2.66 20.53 -12.12
C ASN A 134 -3.88 21.35 -11.72
N ILE A 135 -4.64 21.82 -12.72
CA ILE A 135 -5.87 22.57 -12.48
C ILE A 135 -7.05 21.62 -12.23
N CYS A 136 -7.78 21.87 -11.15
CA CYS A 136 -8.84 20.99 -10.69
C CYS A 136 -10.22 21.60 -10.96
N GLU A 137 -10.37 22.88 -10.63
CA GLU A 137 -11.63 23.59 -10.80
C GLU A 137 -11.35 25.02 -11.29
N ILE A 138 -12.35 25.61 -11.92
CA ILE A 138 -12.29 27.01 -12.31
C ILE A 138 -13.68 27.61 -12.06
N ASN A 139 -13.73 28.62 -11.21
CA ASN A 139 -15.00 29.17 -10.77
C ASN A 139 -15.92 28.02 -10.40
N GLY A 140 -15.49 27.18 -9.45
CA GLY A 140 -16.34 26.18 -8.82
C GLY A 140 -16.69 25.01 -9.73
N GLN A 141 -16.19 25.05 -10.96
CA GLN A 141 -16.58 24.08 -11.97
C GLN A 141 -15.40 23.14 -12.23
N ASN A 142 -15.62 21.86 -11.95
CA ASN A 142 -14.64 20.83 -12.24
C ASN A 142 -14.35 20.81 -13.74
N VAL A 143 -13.06 20.76 -14.13
CA VAL A 143 -12.63 20.85 -15.53
C VAL A 143 -11.62 19.72 -15.83
N ILE A 144 -11.67 18.67 -15.03
CA ILE A 144 -10.67 17.62 -15.13
C ILE A 144 -11.03 16.70 -16.28
N GLY A 145 -10.18 16.65 -17.29
CA GLY A 145 -10.38 15.75 -18.41
C GLY A 145 -10.68 16.51 -19.70
N LEU A 146 -11.15 17.75 -19.54
CA LEU A 146 -11.41 18.61 -20.68
C LEU A 146 -10.11 18.75 -21.47
N LYS A 147 -10.23 19.27 -22.69
CA LYS A 147 -9.07 19.55 -23.50
C LYS A 147 -8.53 20.90 -23.07
N ASP A 148 -7.24 21.14 -23.33
CA ASP A 148 -6.61 22.39 -22.94
C ASP A 148 -7.36 23.52 -23.63
N SER A 149 -7.90 23.21 -24.82
CA SER A 149 -8.70 24.14 -25.62
C SER A 149 -9.88 24.67 -24.82
N GLN A 150 -10.62 23.75 -24.17
CA GLN A 150 -11.88 24.07 -23.52
C GLN A 150 -11.61 24.79 -22.21
N ILE A 151 -10.53 24.41 -21.53
CA ILE A 151 -10.18 25.04 -20.27
C ILE A 151 -9.88 26.49 -20.59
N ALA A 152 -9.16 26.72 -21.70
CA ALA A 152 -8.92 28.07 -22.20
C ALA A 152 -10.23 28.85 -22.36
N ASP A 153 -11.20 28.22 -23.05
CA ASP A 153 -12.50 28.82 -23.32
C ASP A 153 -13.15 29.34 -22.04
N ILE A 154 -13.14 28.52 -20.98
CA ILE A 154 -13.81 28.84 -19.73
C ILE A 154 -13.17 30.05 -19.07
N LEU A 155 -11.88 30.29 -19.36
CA LEU A 155 -11.14 31.40 -18.78
C LEU A 155 -11.39 32.66 -19.59
N SER A 156 -11.60 32.50 -20.90
CA SER A 156 -12.06 33.59 -21.75
C SER A 156 -13.42 34.09 -21.28
N THR A 157 -14.34 33.16 -21.03
CA THR A 157 -15.75 33.47 -20.87
C THR A 157 -16.12 33.58 -19.39
N SER A 158 -15.12 33.55 -18.50
CA SER A 158 -15.36 33.89 -17.10
C SER A 158 -15.28 35.41 -16.99
N GLY A 159 -15.80 35.95 -15.88
CA GLY A 159 -15.71 37.38 -15.59
C GLY A 159 -14.28 37.81 -15.28
N THR A 160 -14.16 38.98 -14.63
CA THR A 160 -12.84 39.55 -14.33
C THR A 160 -12.16 38.69 -13.27
N VAL A 161 -12.94 38.31 -12.24
CA VAL A 161 -12.42 37.58 -11.10
C VAL A 161 -12.49 36.09 -11.41
N VAL A 162 -11.32 35.45 -11.36
CA VAL A 162 -11.18 34.04 -11.67
C VAL A 162 -10.71 33.33 -10.40
N THR A 163 -11.15 32.10 -10.25
CA THR A 163 -10.86 31.34 -9.06
C THR A 163 -10.47 29.94 -9.48
N ILE A 164 -9.27 29.52 -9.09
CA ILE A 164 -8.68 28.31 -9.61
C ILE A 164 -8.24 27.42 -8.45
N THR A 165 -8.83 26.24 -8.41
CA THR A 165 -8.45 25.24 -7.44
C THR A 165 -7.35 24.38 -8.03
N ILE A 166 -6.20 24.26 -7.36
CA ILE A 166 -5.06 23.52 -7.91
C ILE A 166 -4.57 22.43 -6.95
N MET A 167 -3.80 21.50 -7.50
CA MET A 167 -3.31 20.33 -6.79
C MET A 167 -1.90 20.00 -7.28
N PRO A 168 -0.94 19.79 -6.35
CA PRO A 168 0.36 19.25 -6.73
C PRO A 168 0.27 18.12 -7.76
N ALA A 169 0.91 18.32 -8.92
CA ALA A 169 0.95 17.34 -10.00
C ALA A 169 1.21 15.91 -9.49
N PHE A 170 2.28 15.73 -8.69
N PHE A 170 2.25 15.73 -8.67
CA PHE A 170 2.66 14.40 -8.20
CA PHE A 170 2.65 14.41 -8.23
C PHE A 170 1.48 13.72 -7.51
C PHE A 170 1.51 13.72 -7.46
N ILE A 171 0.63 14.50 -6.83
CA ILE A 171 -0.52 13.96 -6.11
C ILE A 171 -1.65 13.72 -7.11
N PHE A 172 -1.86 14.72 -7.98
CA PHE A 172 -2.85 14.63 -9.04
C PHE A 172 -2.61 13.40 -9.90
N GLU A 173 -1.39 13.21 -10.43
CA GLU A 173 -1.08 12.08 -11.28
C GLU A 173 -1.40 10.75 -10.56
N HIS A 174 -1.19 10.72 -9.24
CA HIS A 174 -1.34 9.49 -8.48
C HIS A 174 -2.82 9.23 -8.14
N ILE A 175 -3.72 10.20 -8.34
CA ILE A 175 -5.15 9.96 -8.14
C ILE A 175 -5.79 9.42 -9.41
N ILE A 176 -5.53 10.07 -10.56
CA ILE A 176 -6.18 9.78 -11.82
C ILE A 176 -5.55 8.55 -12.48
N LYS A 177 -4.52 7.98 -11.86
CA LYS A 177 -3.95 6.71 -12.30
C LYS A 177 -5.03 5.62 -12.18
N ARG A 178 -5.25 4.91 -13.30
CA ARG A 178 -6.21 3.80 -13.42
C ARG A 178 -7.61 4.30 -13.80
N MET A 179 -7.66 5.41 -14.56
CA MET A 179 -8.90 5.96 -15.07
C MET A 179 -8.64 6.63 -16.43
N ALA A 180 -9.21 6.06 -17.50
CA ALA A 180 -8.92 6.45 -18.87
C ALA A 180 -9.36 7.89 -19.13
N PRO A 181 -8.64 8.68 -19.96
CA PRO A 181 -9.07 10.04 -20.30
C PRO A 181 -10.27 10.15 -21.27
N SER A 182 -10.99 9.04 -21.47
CA SER A 182 -12.31 9.02 -22.11
C SER A 182 -13.38 9.22 -21.05
N ILE A 183 -13.32 8.38 -20.00
CA ILE A 183 -14.23 8.44 -18.87
C ILE A 183 -14.05 9.77 -18.14
N MET A 184 -12.81 10.27 -18.09
CA MET A 184 -12.49 11.61 -17.63
C MET A 184 -13.38 12.61 -18.35
N LYS A 185 -13.28 12.61 -19.70
CA LYS A 185 -13.90 13.61 -20.56
C LYS A 185 -15.41 13.36 -20.67
N SER A 186 -15.81 12.09 -20.62
CA SER A 186 -17.19 11.69 -20.85
C SER A 186 -18.05 11.95 -19.62
N LEU A 187 -17.64 11.37 -18.48
CA LEU A 187 -18.55 11.04 -17.39
C LEU A 187 -18.32 11.85 -16.11
N MET A 188 -17.14 12.47 -15.96
CA MET A 188 -16.83 13.30 -14.80
C MET A 188 -17.71 14.55 -14.80
N ASP A 189 -18.43 14.77 -13.69
CA ASP A 189 -19.33 15.90 -13.55
C ASP A 189 -18.55 17.19 -13.81
N HIS A 190 -18.90 17.90 -14.90
CA HIS A 190 -18.29 19.17 -15.22
C HIS A 190 -19.28 20.32 -15.10
N THR A 191 -20.41 20.06 -14.44
CA THR A 191 -21.53 20.98 -14.48
C THR A 191 -21.29 22.07 -13.44
N ILE A 192 -21.92 23.24 -13.66
CA ILE A 192 -22.09 24.24 -12.63
C ILE A 192 -22.88 23.56 -11.49
N PRO A 193 -22.66 23.88 -10.20
CA PRO A 193 -23.47 23.30 -9.12
C PRO A 193 -24.96 23.66 -9.16
N GLU A 194 -25.82 22.65 -9.03
CA GLU A 194 -27.26 22.86 -8.96
C GLU A 194 -27.62 23.54 -7.64
N VAL A 195 -28.70 24.34 -7.66
CA VAL A 195 -29.29 24.87 -6.43
C VAL A 195 -30.80 24.62 -6.45
N ALA B 3 -21.75 -26.33 -15.42
CA ALA B 3 -21.80 -27.44 -16.40
C ALA B 3 -22.93 -27.20 -17.41
N GLU B 4 -24.17 -27.52 -16.99
CA GLU B 4 -25.36 -27.48 -17.85
C GLU B 4 -25.48 -26.15 -18.59
N ILE B 5 -25.74 -26.20 -19.90
CA ILE B 5 -25.87 -24.98 -20.69
C ILE B 5 -27.24 -24.36 -20.40
N LYS B 6 -27.22 -23.18 -19.77
CA LYS B 6 -28.38 -22.53 -19.17
C LYS B 6 -29.23 -21.89 -20.28
N GLN B 7 -30.51 -22.30 -20.35
CA GLN B 7 -31.39 -21.91 -21.45
C GLN B 7 -31.81 -20.45 -21.32
N GLY B 8 -31.91 -19.76 -22.46
CA GLY B 8 -32.17 -18.33 -22.47
C GLY B 8 -31.08 -17.52 -21.79
N ILE B 9 -31.50 -16.37 -21.28
CA ILE B 9 -30.67 -15.19 -21.10
C ILE B 9 -30.53 -14.86 -19.61
N ARG B 10 -29.50 -14.08 -19.25
CA ARG B 10 -29.44 -13.52 -17.91
C ARG B 10 -28.68 -12.20 -17.90
N GLU B 11 -28.88 -11.43 -16.80
CA GLU B 11 -28.20 -10.16 -16.62
C GLU B 11 -27.07 -10.38 -15.62
N VAL B 12 -25.85 -9.93 -15.95
CA VAL B 12 -24.74 -9.95 -14.99
C VAL B 12 -24.33 -8.51 -14.72
N ILE B 13 -23.89 -8.23 -13.47
CA ILE B 13 -23.41 -6.92 -13.09
C ILE B 13 -21.93 -7.01 -12.77
N LEU B 14 -21.18 -5.99 -13.20
CA LEU B 14 -19.74 -5.95 -13.11
C LEU B 14 -19.31 -4.60 -12.55
N CYS B 15 -18.12 -4.62 -11.91
CA CYS B 15 -17.37 -3.46 -11.50
C CYS B 15 -15.97 -3.56 -12.09
N LYS B 16 -15.39 -2.44 -12.53
CA LYS B 16 -13.96 -2.43 -12.82
C LYS B 16 -13.17 -2.56 -11.53
N ASP B 17 -12.01 -3.23 -11.59
CA ASP B 17 -11.11 -3.33 -10.45
C ASP B 17 -10.29 -2.03 -10.38
N GLN B 18 -9.37 -1.97 -9.41
CA GLN B 18 -8.67 -0.74 -9.11
C GLN B 18 -7.66 -0.38 -10.22
N ASP B 19 -7.40 -1.33 -11.13
CA ASP B 19 -6.56 -1.04 -12.29
C ASP B 19 -7.41 -0.63 -13.50
N GLY B 20 -8.74 -0.73 -13.38
CA GLY B 20 -9.67 -0.30 -14.42
C GLY B 20 -10.02 -1.43 -15.40
N LYS B 21 -9.77 -2.69 -15.00
CA LYS B 21 -9.93 -3.83 -15.89
C LYS B 21 -11.07 -4.72 -15.40
N ILE B 22 -11.67 -5.48 -16.32
CA ILE B 22 -12.75 -6.39 -15.98
C ILE B 22 -12.29 -7.82 -16.17
N GLY B 23 -11.38 -8.03 -17.13
CA GLY B 23 -10.78 -9.34 -17.34
C GLY B 23 -11.51 -10.17 -18.41
N LEU B 24 -11.87 -9.53 -19.54
CA LEU B 24 -12.48 -10.20 -20.69
C LEU B 24 -11.74 -9.89 -22.00
N ARG B 25 -11.72 -10.87 -22.90
CA ARG B 25 -11.58 -10.59 -24.33
C ARG B 25 -12.86 -11.00 -25.08
N LEU B 26 -13.30 -10.10 -25.98
CA LEU B 26 -14.49 -10.24 -26.78
C LEU B 26 -14.07 -10.39 -28.25
N LYS B 27 -14.72 -11.33 -28.97
CA LYS B 27 -14.45 -11.61 -30.37
C LYS B 27 -15.75 -11.60 -31.16
N SER B 28 -15.66 -11.02 -32.38
CA SER B 28 -16.76 -10.97 -33.35
C SER B 28 -16.93 -12.32 -34.05
N ILE B 29 -18.16 -12.87 -34.03
CA ILE B 29 -18.51 -14.13 -34.69
C ILE B 29 -19.97 -14.08 -35.19
N ASP B 30 -20.14 -14.12 -36.51
CA ASP B 30 -21.44 -14.16 -37.16
C ASP B 30 -22.32 -12.99 -36.68
N ASN B 31 -21.75 -11.77 -36.63
CA ASN B 31 -22.46 -10.57 -36.19
C ASN B 31 -22.96 -10.67 -34.74
N GLY B 32 -22.44 -11.64 -33.99
CA GLY B 32 -22.58 -11.66 -32.54
C GLY B 32 -21.25 -11.28 -31.88
N ILE B 33 -21.25 -11.25 -30.54
CA ILE B 33 -20.05 -11.00 -29.76
C ILE B 33 -19.91 -12.05 -28.66
N PHE B 34 -18.70 -12.57 -28.51
CA PHE B 34 -18.50 -13.70 -27.62
C PHE B 34 -17.19 -13.55 -26.84
N VAL B 35 -17.16 -14.22 -25.69
CA VAL B 35 -16.04 -14.19 -24.77
C VAL B 35 -14.98 -15.16 -25.26
N GLN B 36 -13.78 -14.63 -25.61
CA GLN B 36 -12.65 -15.50 -25.94
C GLN B 36 -11.70 -15.71 -24.76
N LEU B 37 -11.64 -14.77 -23.82
CA LEU B 37 -10.79 -14.97 -22.65
C LEU B 37 -11.46 -14.32 -21.45
N VAL B 38 -11.60 -15.11 -20.37
CA VAL B 38 -11.90 -14.66 -19.02
C VAL B 38 -10.63 -14.77 -18.16
N GLN B 39 -10.14 -13.63 -17.64
CA GLN B 39 -8.90 -13.56 -16.87
C GLN B 39 -9.07 -14.11 -15.45
N ALA B 40 -8.17 -15.03 -15.05
CA ALA B 40 -8.16 -15.55 -13.67
C ALA B 40 -8.00 -14.41 -12.66
N ASN B 41 -8.82 -14.42 -11.59
CA ASN B 41 -8.81 -13.40 -10.55
C ASN B 41 -9.18 -12.03 -11.12
N SER B 42 -10.43 -11.87 -11.55
CA SER B 42 -10.89 -10.61 -12.14
C SER B 42 -12.40 -10.48 -11.94
N PRO B 43 -12.99 -9.25 -11.97
CA PRO B 43 -14.43 -9.09 -11.77
C PRO B 43 -15.23 -10.05 -12.65
N ALA B 44 -14.74 -10.21 -13.90
CA ALA B 44 -15.35 -11.11 -14.87
C ALA B 44 -15.38 -12.54 -14.34
N SER B 45 -14.21 -13.11 -14.03
CA SER B 45 -14.17 -14.45 -13.46
C SER B 45 -14.94 -14.51 -12.15
N LEU B 46 -15.10 -13.36 -11.48
CA LEU B 46 -15.73 -13.34 -10.18
C LEU B 46 -17.25 -13.44 -10.31
N VAL B 47 -17.82 -12.70 -11.28
CA VAL B 47 -19.27 -12.73 -11.52
C VAL B 47 -19.65 -13.94 -12.36
N GLY B 48 -18.66 -14.72 -12.81
CA GLY B 48 -18.91 -16.04 -13.37
C GLY B 48 -19.29 -15.98 -14.85
N LEU B 49 -18.75 -15.01 -15.61
CA LEU B 49 -18.68 -15.08 -17.06
C LEU B 49 -17.73 -16.20 -17.48
N ARG B 50 -17.98 -16.77 -18.68
CA ARG B 50 -17.28 -17.93 -19.19
C ARG B 50 -16.88 -17.78 -20.67
N PHE B 51 -15.84 -18.51 -21.04
CA PHE B 51 -15.51 -18.81 -22.42
C PHE B 51 -16.77 -19.34 -23.12
N GLY B 52 -17.13 -18.70 -24.23
CA GLY B 52 -18.25 -19.17 -25.03
C GLY B 52 -19.46 -18.25 -24.95
N ASP B 53 -19.68 -17.65 -23.78
CA ASP B 53 -20.79 -16.77 -23.52
C ASP B 53 -20.87 -15.73 -24.64
N GLN B 54 -22.11 -15.47 -25.01
CA GLN B 54 -22.43 -14.44 -25.97
C GLN B 54 -22.86 -13.20 -25.19
N VAL B 55 -22.43 -12.04 -25.68
CA VAL B 55 -22.85 -10.80 -25.07
C VAL B 55 -23.84 -10.17 -26.03
N LEU B 56 -25.11 -10.10 -25.59
CA LEU B 56 -26.18 -9.54 -26.39
C LEU B 56 -26.16 -8.03 -26.21
N GLN B 57 -25.93 -7.59 -24.97
CA GLN B 57 -25.95 -6.17 -24.65
C GLN B 57 -24.97 -5.79 -23.53
N ILE B 58 -24.47 -4.56 -23.65
CA ILE B 58 -23.61 -3.95 -22.66
C ILE B 58 -24.25 -2.61 -22.29
N ASN B 59 -24.68 -2.50 -21.03
CA ASN B 59 -25.33 -1.28 -20.56
C ASN B 59 -26.53 -0.98 -21.45
N GLY B 60 -27.22 -2.03 -21.91
CA GLY B 60 -28.42 -1.87 -22.72
C GLY B 60 -28.19 -1.25 -24.10
N GLU B 61 -26.99 -1.42 -24.69
CA GLU B 61 -26.79 -1.23 -26.12
C GLU B 61 -26.59 -2.61 -26.76
N ASN B 62 -27.15 -2.85 -27.95
CA ASN B 62 -27.03 -4.17 -28.55
C ASN B 62 -25.70 -4.31 -29.28
N CYS B 63 -25.03 -5.42 -29.04
CA CYS B 63 -23.70 -5.69 -29.56
C CYS B 63 -23.73 -6.12 -31.03
N ALA B 64 -24.92 -6.24 -31.62
CA ALA B 64 -25.08 -6.91 -32.90
C ALA B 64 -24.29 -6.21 -34.01
N GLY B 65 -23.39 -6.95 -34.67
CA GLY B 65 -22.57 -6.41 -35.75
C GLY B 65 -21.47 -5.46 -35.26
N TRP B 66 -21.15 -5.51 -33.97
CA TRP B 66 -20.01 -4.79 -33.45
C TRP B 66 -18.73 -5.53 -33.85
N SER B 67 -17.68 -4.78 -34.22
CA SER B 67 -16.36 -5.37 -34.41
C SER B 67 -15.76 -5.70 -33.04
N SER B 68 -14.80 -6.63 -33.04
CA SER B 68 -14.02 -6.95 -31.85
C SER B 68 -13.49 -5.67 -31.21
N ASP B 69 -12.95 -4.76 -32.03
CA ASP B 69 -12.39 -3.50 -31.54
C ASP B 69 -13.48 -2.67 -30.85
N LYS B 70 -14.63 -2.49 -31.51
CA LYS B 70 -15.69 -1.68 -30.92
C LYS B 70 -16.14 -2.23 -29.56
N ALA B 71 -16.16 -3.56 -29.40
CA ALA B 71 -16.53 -4.14 -28.13
C ALA B 71 -15.57 -3.64 -27.04
N HIS B 72 -14.27 -3.73 -27.32
CA HIS B 72 -13.22 -3.43 -26.35
C HIS B 72 -13.15 -1.92 -26.05
N LYS B 73 -13.27 -1.12 -27.10
CA LYS B 73 -13.29 0.33 -26.92
C LYS B 73 -14.43 0.69 -25.98
N VAL B 74 -15.58 0.04 -26.15
CA VAL B 74 -16.76 0.36 -25.36
C VAL B 74 -16.48 0.04 -23.90
N LEU B 75 -15.75 -1.06 -23.65
CA LEU B 75 -15.45 -1.49 -22.28
C LEU B 75 -14.44 -0.55 -21.64
N LYS B 76 -13.39 -0.23 -22.40
CA LYS B 76 -12.40 0.74 -21.96
C LYS B 76 -13.09 2.05 -21.55
N GLN B 77 -14.17 2.45 -22.25
CA GLN B 77 -14.77 3.76 -22.00
C GLN B 77 -15.88 3.73 -20.95
N ALA B 78 -16.21 2.54 -20.44
CA ALA B 78 -17.27 2.37 -19.46
C ALA B 78 -16.88 2.89 -18.08
N PHE B 79 -17.76 3.67 -17.45
CA PHE B 79 -17.64 3.91 -16.02
C PHE B 79 -17.59 2.58 -15.28
N GLY B 80 -16.74 2.49 -14.26
CA GLY B 80 -16.38 1.20 -13.70
C GLY B 80 -17.31 0.77 -12.57
N GLU B 81 -18.29 1.60 -12.21
CA GLU B 81 -19.05 1.35 -11.00
C GLU B 81 -20.04 0.21 -11.23
N LYS B 82 -20.96 0.41 -12.20
CA LYS B 82 -21.89 -0.63 -12.57
C LYS B 82 -21.87 -0.77 -14.10
N ILE B 83 -21.56 -1.99 -14.54
CA ILE B 83 -21.63 -2.34 -15.93
C ILE B 83 -22.55 -3.56 -16.03
N THR B 84 -23.70 -3.39 -16.72
CA THR B 84 -24.65 -4.47 -16.91
C THR B 84 -24.38 -5.15 -18.24
N MET B 85 -24.37 -6.49 -18.21
CA MET B 85 -24.32 -7.27 -19.44
C MET B 85 -25.50 -8.24 -19.50
N THR B 86 -26.09 -8.37 -20.69
CA THR B 86 -27.06 -9.41 -20.96
C THR B 86 -26.35 -10.53 -21.70
N ILE B 87 -26.49 -11.76 -21.18
CA ILE B 87 -25.68 -12.90 -21.59
C ILE B 87 -26.56 -14.08 -22.00
N ARG B 88 -26.23 -14.74 -23.13
CA ARG B 88 -26.75 -16.06 -23.45
C ARG B 88 -25.67 -17.11 -23.14
N ASP B 89 -25.97 -18.13 -22.34
CA ASP B 89 -24.98 -19.10 -21.90
C ASP B 89 -24.48 -19.93 -23.08
N ARG B 90 -23.20 -19.72 -23.43
CA ARG B 90 -22.37 -20.61 -24.25
C ARG B 90 -23.13 -21.32 -25.36
N PRO B 91 -23.73 -20.57 -26.30
CA PRO B 91 -24.56 -21.14 -27.37
C PRO B 91 -23.97 -22.25 -28.24
N PHE B 92 -22.69 -22.09 -28.61
CA PHE B 92 -21.98 -23.02 -29.48
C PHE B 92 -21.55 -24.29 -28.75
N GLU B 93 -21.92 -24.46 -27.48
CA GLU B 93 -21.31 -25.53 -26.69
C GLU B 93 -22.41 -26.45 -26.19
N ARG B 94 -22.03 -27.64 -25.75
CA ARG B 94 -22.92 -28.57 -25.09
C ARG B 94 -22.14 -29.43 -24.11
N THR B 95 -22.80 -30.08 -23.14
CA THR B 95 -22.05 -30.88 -22.19
C THR B 95 -22.57 -32.31 -22.20
N ILE B 96 -21.65 -33.25 -22.08
CA ILE B 96 -21.97 -34.67 -22.12
C ILE B 96 -21.60 -35.22 -20.75
N THR B 97 -22.37 -36.20 -20.25
CA THR B 97 -22.05 -36.86 -19.00
C THR B 97 -21.75 -38.34 -19.26
N MET B 98 -20.57 -38.79 -18.81
CA MET B 98 -20.08 -40.14 -19.00
C MET B 98 -19.69 -40.73 -17.65
N HIS B 99 -19.65 -42.07 -17.58
CA HIS B 99 -19.30 -42.78 -16.35
C HIS B 99 -18.06 -43.63 -16.62
N LYS B 100 -17.00 -43.39 -15.83
CA LYS B 100 -15.77 -44.16 -15.96
C LYS B 100 -16.07 -45.64 -15.74
N ASP B 101 -15.48 -46.51 -16.57
CA ASP B 101 -15.67 -47.93 -16.35
C ASP B 101 -14.65 -48.37 -15.31
N SER B 102 -14.42 -49.68 -15.19
CA SER B 102 -13.62 -50.24 -14.11
C SER B 102 -12.12 -49.96 -14.30
N THR B 103 -11.72 -49.50 -15.49
CA THR B 103 -10.32 -49.16 -15.77
C THR B 103 -10.12 -47.66 -15.60
N GLY B 104 -11.23 -46.91 -15.47
CA GLY B 104 -11.18 -45.49 -15.19
C GLY B 104 -11.16 -44.65 -16.46
N HIS B 105 -11.67 -45.22 -17.56
CA HIS B 105 -11.72 -44.55 -18.86
C HIS B 105 -13.18 -44.29 -19.21
N VAL B 106 -13.44 -43.17 -19.88
CA VAL B 106 -14.77 -42.85 -20.38
C VAL B 106 -14.90 -43.32 -21.83
N GLY B 107 -13.80 -43.21 -22.57
CA GLY B 107 -13.62 -43.94 -23.83
C GLY B 107 -13.48 -43.04 -25.05
N PHE B 108 -12.46 -42.18 -25.06
CA PHE B 108 -12.16 -41.46 -26.28
C PHE B 108 -10.66 -41.10 -26.38
N ILE B 109 -10.31 -40.45 -27.49
CA ILE B 109 -8.93 -40.08 -27.77
C ILE B 109 -8.95 -38.64 -28.25
N PHE B 110 -7.90 -37.89 -27.90
CA PHE B 110 -7.85 -36.48 -28.28
C PHE B 110 -6.38 -36.07 -28.44
N LYS B 111 -6.19 -34.88 -29.02
CA LYS B 111 -4.90 -34.33 -29.34
C LYS B 111 -5.04 -32.84 -29.61
N ASN B 112 -4.22 -32.00 -28.95
CA ASN B 112 -4.41 -30.56 -28.94
C ASN B 112 -5.85 -30.22 -28.57
N GLY B 113 -6.38 -30.99 -27.61
CA GLY B 113 -7.68 -30.71 -27.02
C GLY B 113 -8.86 -31.10 -27.91
N LYS B 114 -8.59 -31.71 -29.07
CA LYS B 114 -9.64 -32.05 -30.00
C LYS B 114 -9.87 -33.54 -29.93
N ILE B 115 -11.14 -33.93 -29.81
CA ILE B 115 -11.49 -35.34 -29.74
C ILE B 115 -11.34 -35.93 -31.13
N THR B 116 -10.70 -37.12 -31.24
CA THR B 116 -10.35 -37.65 -32.55
C THR B 116 -10.89 -39.05 -32.77
N SER B 117 -11.10 -39.83 -31.71
CA SER B 117 -11.65 -41.15 -31.92
C SER B 117 -12.53 -41.49 -30.71
N ILE B 118 -13.60 -42.27 -30.93
CA ILE B 118 -14.47 -42.71 -29.87
C ILE B 118 -14.19 -44.20 -29.68
N VAL B 119 -14.12 -44.64 -28.44
CA VAL B 119 -13.81 -46.04 -28.21
C VAL B 119 -15.11 -46.82 -28.38
N LYS B 120 -14.97 -48.05 -28.88
CA LYS B 120 -16.06 -48.98 -29.06
C LYS B 120 -16.68 -49.35 -27.71
N ASP B 121 -18.01 -49.55 -27.68
CA ASP B 121 -18.70 -50.11 -26.53
C ASP B 121 -18.39 -49.33 -25.24
N SER B 122 -17.93 -48.07 -25.38
CA SER B 122 -17.53 -47.25 -24.25
C SER B 122 -18.70 -46.38 -23.80
N SER B 123 -18.48 -45.56 -22.77
CA SER B 123 -19.52 -44.68 -22.27
C SER B 123 -19.71 -43.52 -23.25
N ALA B 124 -18.59 -43.00 -23.77
CA ALA B 124 -18.65 -41.97 -24.79
C ALA B 124 -19.48 -42.45 -25.98
N ALA B 125 -19.41 -43.76 -26.27
CA ALA B 125 -20.25 -44.38 -27.30
C ALA B 125 -21.73 -44.34 -26.93
N ARG B 126 -22.06 -44.71 -25.69
CA ARG B 126 -23.44 -44.76 -25.24
C ARG B 126 -24.03 -43.35 -25.16
N ASN B 127 -23.17 -42.33 -25.00
CA ASN B 127 -23.63 -40.96 -24.82
C ASN B 127 -23.42 -40.08 -26.06
N GLY B 128 -23.05 -40.67 -27.21
CA GLY B 128 -23.08 -39.93 -28.46
C GLY B 128 -22.04 -38.80 -28.50
N LEU B 129 -20.84 -39.10 -27.99
CA LEU B 129 -19.74 -38.16 -28.04
C LEU B 129 -19.27 -38.08 -29.48
N LEU B 130 -18.97 -36.87 -29.94
CA LEU B 130 -18.64 -36.63 -31.33
C LEU B 130 -17.16 -36.31 -31.48
N THR B 131 -16.55 -36.82 -32.57
CA THR B 131 -15.20 -36.38 -32.88
C THR B 131 -15.29 -34.99 -33.46
N GLU B 132 -14.13 -34.39 -33.70
CA GLU B 132 -13.97 -33.11 -34.36
C GLU B 132 -14.58 -32.00 -33.52
N HIS B 133 -14.61 -32.23 -32.20
CA HIS B 133 -14.99 -31.21 -31.23
C HIS B 133 -13.85 -31.02 -30.22
N ASN B 134 -13.56 -29.74 -29.95
CA ASN B 134 -12.62 -29.31 -28.90
C ASN B 134 -13.25 -29.42 -27.51
N ILE B 135 -12.44 -29.85 -26.54
CA ILE B 135 -12.81 -29.89 -25.13
C ILE B 135 -12.61 -28.51 -24.52
N CYS B 136 -13.66 -27.97 -23.88
CA CYS B 136 -13.69 -26.61 -23.36
C CYS B 136 -13.71 -26.59 -21.83
N GLU B 137 -14.47 -27.52 -21.23
CA GLU B 137 -14.51 -27.62 -19.78
C GLU B 137 -14.51 -29.09 -19.37
N ILE B 138 -13.99 -29.34 -18.16
CA ILE B 138 -14.21 -30.63 -17.51
C ILE B 138 -14.82 -30.35 -16.14
N ASN B 139 -15.93 -31.06 -15.85
CA ASN B 139 -16.74 -30.82 -14.67
C ASN B 139 -16.81 -29.33 -14.34
N GLY B 140 -16.97 -28.48 -15.37
CA GLY B 140 -17.27 -27.07 -15.18
C GLY B 140 -16.00 -26.22 -15.27
N GLN B 141 -14.86 -26.91 -15.12
CA GLN B 141 -13.56 -26.27 -15.13
C GLN B 141 -13.10 -26.10 -16.57
N ASN B 142 -12.97 -24.83 -16.97
CA ASN B 142 -12.29 -24.42 -18.18
C ASN B 142 -10.89 -25.03 -18.30
N VAL B 143 -10.56 -25.64 -19.47
CA VAL B 143 -9.25 -26.19 -19.70
C VAL B 143 -8.63 -25.65 -21.00
N ILE B 144 -8.99 -24.44 -21.41
CA ILE B 144 -8.53 -23.92 -22.68
C ILE B 144 -7.13 -23.33 -22.51
N GLY B 145 -6.18 -23.87 -23.29
CA GLY B 145 -4.79 -23.45 -23.23
C GLY B 145 -3.90 -24.44 -22.47
N LEU B 146 -4.48 -25.49 -21.86
CA LEU B 146 -3.71 -26.48 -21.13
C LEU B 146 -3.15 -27.50 -22.10
N LYS B 147 -2.30 -28.39 -21.58
CA LYS B 147 -1.61 -29.39 -22.38
C LYS B 147 -2.30 -30.72 -22.18
N ASP B 148 -2.28 -31.57 -23.19
CA ASP B 148 -3.07 -32.78 -23.18
C ASP B 148 -2.79 -33.62 -21.93
N SER B 149 -1.56 -33.53 -21.40
CA SER B 149 -1.23 -34.26 -20.18
C SER B 149 -1.98 -33.68 -18.98
N GLN B 150 -2.11 -32.34 -18.95
CA GLN B 150 -2.80 -31.66 -17.85
C GLN B 150 -4.28 -32.06 -17.87
N ILE B 151 -4.91 -31.93 -19.05
CA ILE B 151 -6.28 -32.36 -19.27
C ILE B 151 -6.42 -33.85 -18.92
N ALA B 152 -5.42 -34.64 -19.28
CA ALA B 152 -5.42 -36.04 -18.89
C ALA B 152 -5.50 -36.19 -17.37
N ASP B 153 -4.75 -35.36 -16.63
CA ASP B 153 -4.66 -35.48 -15.17
C ASP B 153 -5.98 -35.11 -14.50
N ILE B 154 -6.58 -33.99 -14.93
CA ILE B 154 -7.87 -33.55 -14.46
C ILE B 154 -8.95 -34.63 -14.64
N LEU B 155 -8.84 -35.41 -15.71
CA LEU B 155 -9.80 -36.48 -15.92
C LEU B 155 -9.55 -37.57 -14.89
N SER B 156 -8.28 -37.84 -14.59
CA SER B 156 -7.93 -38.90 -13.64
C SER B 156 -8.30 -38.48 -12.22
N THR B 157 -8.08 -37.20 -11.86
CA THR B 157 -8.41 -36.74 -10.51
C THR B 157 -9.92 -36.74 -10.31
N SER B 158 -10.66 -36.37 -11.36
CA SER B 158 -12.10 -36.39 -11.35
C SER B 158 -12.64 -37.69 -10.77
N GLY B 159 -13.89 -37.62 -10.27
CA GLY B 159 -14.58 -38.79 -9.77
C GLY B 159 -15.07 -39.67 -10.91
N THR B 160 -15.94 -40.63 -10.58
CA THR B 160 -16.44 -41.58 -11.56
C THR B 160 -17.31 -40.85 -12.59
N VAL B 161 -18.18 -39.97 -12.11
CA VAL B 161 -19.06 -39.28 -13.04
C VAL B 161 -18.29 -38.07 -13.57
N VAL B 162 -18.05 -38.07 -14.89
CA VAL B 162 -17.40 -36.95 -15.55
C VAL B 162 -18.43 -36.22 -16.42
N THR B 163 -18.21 -34.92 -16.62
CA THR B 163 -19.03 -34.10 -17.50
C THR B 163 -18.11 -33.24 -18.33
N ILE B 164 -18.23 -33.35 -19.66
CA ILE B 164 -17.38 -32.63 -20.61
C ILE B 164 -18.22 -31.63 -21.40
N THR B 165 -17.71 -30.41 -21.57
CA THR B 165 -18.33 -29.39 -22.40
C THR B 165 -17.54 -29.27 -23.70
N ILE B 166 -18.20 -29.37 -24.87
CA ILE B 166 -17.52 -29.43 -26.16
C ILE B 166 -18.06 -28.37 -27.11
N MET B 167 -17.29 -28.09 -28.17
CA MET B 167 -17.60 -27.10 -29.17
C MET B 167 -17.03 -27.60 -30.51
N PRO B 168 -17.81 -27.53 -31.63
CA PRO B 168 -17.29 -27.91 -32.95
C PRO B 168 -16.00 -27.17 -33.33
N ALA B 169 -15.02 -27.94 -33.81
CA ALA B 169 -13.66 -27.44 -33.99
C ALA B 169 -13.62 -26.20 -34.88
N PHE B 170 -14.42 -26.20 -35.95
N PHE B 170 -14.35 -26.20 -36.01
CA PHE B 170 -14.39 -25.12 -36.93
CA PHE B 170 -14.37 -25.07 -36.93
C PHE B 170 -14.71 -23.80 -36.22
C PHE B 170 -14.62 -23.79 -36.14
N ILE B 171 -15.60 -23.85 -35.21
CA ILE B 171 -16.04 -22.64 -34.50
C ILE B 171 -15.03 -22.24 -33.45
N PHE B 172 -14.54 -23.23 -32.67
CA PHE B 172 -13.48 -23.07 -31.69
C PHE B 172 -12.26 -22.38 -32.30
N GLU B 173 -11.81 -22.84 -33.46
CA GLU B 173 -10.66 -22.22 -34.11
C GLU B 173 -10.96 -20.76 -34.50
N HIS B 174 -12.24 -20.42 -34.69
CA HIS B 174 -12.60 -19.07 -35.07
C HIS B 174 -12.61 -18.18 -33.83
N ILE B 175 -13.00 -18.73 -32.65
CA ILE B 175 -13.17 -17.88 -31.48
C ILE B 175 -11.82 -17.46 -30.88
N ILE B 176 -10.82 -18.35 -30.91
CA ILE B 176 -9.50 -18.08 -30.37
C ILE B 176 -8.64 -17.19 -31.28
N LYS B 177 -9.13 -16.82 -32.47
CA LYS B 177 -8.38 -15.93 -33.35
C LYS B 177 -8.34 -14.50 -32.77
N ARG B 178 -7.36 -13.72 -33.28
CA ARG B 178 -7.00 -12.41 -32.75
C ARG B 178 -6.63 -12.52 -31.27
N MET B 179 -5.79 -13.50 -30.91
CA MET B 179 -5.38 -13.67 -29.53
C MET B 179 -4.17 -14.60 -29.49
N ALA B 180 -3.09 -14.12 -28.84
CA ALA B 180 -1.78 -14.75 -28.86
C ALA B 180 -1.75 -15.99 -27.96
N PRO B 181 -1.36 -17.18 -28.46
CA PRO B 181 -1.34 -18.40 -27.64
C PRO B 181 -0.72 -18.26 -26.24
N SER B 182 0.09 -17.21 -26.05
CA SER B 182 0.76 -16.92 -24.79
C SER B 182 -0.26 -16.35 -23.80
N ILE B 183 -1.00 -15.33 -24.26
CA ILE B 183 -2.10 -14.72 -23.51
C ILE B 183 -3.04 -15.82 -23.00
N MET B 184 -3.44 -16.71 -23.91
CA MET B 184 -4.46 -17.72 -23.66
C MET B 184 -3.95 -18.81 -22.71
N LYS B 185 -2.63 -18.99 -22.61
CA LYS B 185 -2.11 -20.02 -21.71
C LYS B 185 -1.81 -19.41 -20.34
N SER B 186 -1.54 -18.10 -20.31
CA SER B 186 -1.06 -17.50 -19.09
C SER B 186 -2.20 -16.85 -18.31
N LEU B 187 -3.26 -16.42 -19.01
CA LEU B 187 -4.27 -15.57 -18.40
C LEU B 187 -5.60 -16.30 -18.15
N MET B 188 -5.91 -17.34 -18.94
CA MET B 188 -7.24 -17.92 -18.98
C MET B 188 -7.62 -18.46 -17.60
N ASP B 189 -8.79 -18.06 -17.11
CA ASP B 189 -9.33 -18.60 -15.88
C ASP B 189 -9.40 -20.12 -15.98
N HIS B 190 -8.92 -20.80 -14.93
CA HIS B 190 -9.02 -22.25 -14.81
C HIS B 190 -9.52 -22.63 -13.41
N THR B 191 -10.27 -21.73 -12.78
CA THR B 191 -10.87 -21.94 -11.47
C THR B 191 -11.84 -23.13 -11.45
N ILE B 192 -11.89 -23.82 -10.31
CA ILE B 192 -12.93 -24.80 -10.11
C ILE B 192 -14.21 -24.06 -9.73
N PRO B 193 -15.38 -24.49 -10.27
CA PRO B 193 -16.65 -23.82 -9.98
C PRO B 193 -17.02 -23.84 -8.50
N GLU B 194 -17.45 -22.67 -8.00
CA GLU B 194 -17.86 -22.50 -6.61
C GLU B 194 -19.37 -22.62 -6.47
N VAL B 195 -19.83 -22.91 -5.25
CA VAL B 195 -21.23 -22.69 -4.91
C VAL B 195 -21.32 -21.59 -3.84
N ALA C 3 -0.99 27.57 15.45
CA ALA C 3 -1.29 26.18 15.02
C ALA C 3 -2.27 26.20 13.84
N GLU C 4 -3.38 26.91 13.99
CA GLU C 4 -4.53 26.83 13.08
C GLU C 4 -4.27 27.68 11.83
N ILE C 5 -4.41 27.05 10.64
CA ILE C 5 -4.00 27.65 9.38
C ILE C 5 -5.07 28.64 8.91
N LYS C 6 -4.62 29.83 8.45
CA LYS C 6 -5.46 30.87 7.86
C LYS C 6 -5.72 30.53 6.39
N GLN C 7 -6.50 31.37 5.70
CA GLN C 7 -6.79 31.18 4.28
C GLN C 7 -6.69 32.51 3.51
N GLY C 8 -5.49 33.08 3.55
CA GLY C 8 -5.21 34.29 2.80
C GLY C 8 -3.82 34.83 3.10
N ILE C 9 -3.70 36.11 2.81
CA ILE C 9 -2.43 36.77 2.56
C ILE C 9 -2.29 37.90 3.57
N ARG C 10 -1.36 37.77 4.50
CA ARG C 10 -1.07 38.88 5.40
C ARG C 10 0.25 39.53 4.98
N GLU C 11 0.58 40.63 5.67
CA GLU C 11 1.70 41.51 5.35
C GLU C 11 2.49 41.71 6.65
N VAL C 12 3.83 41.82 6.59
CA VAL C 12 4.60 42.06 7.81
C VAL C 12 5.74 43.06 7.54
N ILE C 13 6.01 43.88 8.56
CA ILE C 13 7.07 44.88 8.58
C ILE C 13 8.23 44.32 9.40
N LEU C 14 9.46 44.49 8.91
CA LEU C 14 10.64 43.90 9.54
C LEU C 14 11.78 44.92 9.61
N CYS C 15 12.64 44.75 10.63
CA CYS C 15 13.88 45.49 10.78
C CYS C 15 15.04 44.50 10.96
N LYS C 16 16.17 44.80 10.28
CA LYS C 16 17.39 44.03 10.50
C LYS C 16 17.79 44.22 11.96
N ASP C 17 18.62 43.34 12.49
CA ASP C 17 18.96 43.40 13.90
C ASP C 17 20.37 44.01 14.05
N GLN C 18 20.95 43.74 15.23
CA GLN C 18 22.33 44.02 15.56
C GLN C 18 23.27 43.72 14.39
N ASP C 19 23.27 42.45 13.95
CA ASP C 19 24.27 41.92 13.03
C ASP C 19 23.84 42.12 11.57
N GLY C 20 22.76 42.89 11.33
CA GLY C 20 22.29 43.25 9.99
C GLY C 20 21.38 42.18 9.36
N LYS C 21 20.74 41.37 10.21
CA LYS C 21 20.15 40.10 9.79
C LYS C 21 18.72 39.99 10.31
N ILE C 22 17.89 39.21 9.61
CA ILE C 22 16.51 38.94 10.03
C ILE C 22 16.37 37.50 10.52
N GLY C 23 17.22 36.58 10.05
CA GLY C 23 17.27 35.23 10.57
C GLY C 23 16.41 34.26 9.76
N LEU C 24 16.60 34.32 8.44
CA LEU C 24 15.76 33.64 7.47
C LEU C 24 16.61 32.81 6.52
N ARG C 25 16.05 31.66 6.10
CA ARG C 25 16.48 31.01 4.88
C ARG C 25 15.26 30.78 4.00
N LEU C 26 15.42 31.01 2.68
CA LEU C 26 14.35 30.87 1.71
C LEU C 26 14.70 29.76 0.71
N LYS C 27 13.68 29.09 0.16
CA LYS C 27 13.88 28.08 -0.87
C LYS C 27 12.92 28.27 -2.04
N SER C 28 13.42 27.99 -3.25
CA SER C 28 12.61 28.03 -4.46
C SER C 28 11.88 26.71 -4.62
N ILE C 29 10.53 26.76 -4.70
CA ILE C 29 9.70 25.59 -4.99
C ILE C 29 8.65 25.97 -6.03
N ASP C 30 8.61 25.27 -7.18
CA ASP C 30 7.51 25.39 -8.13
C ASP C 30 7.27 26.86 -8.49
N ASN C 31 8.38 27.59 -8.65
CA ASN C 31 8.41 29.00 -9.05
C ASN C 31 7.86 29.93 -7.97
N GLY C 32 7.84 29.44 -6.73
CA GLY C 32 7.63 30.28 -5.58
C GLY C 32 8.88 30.44 -4.71
N ILE C 33 8.75 31.29 -3.68
CA ILE C 33 9.74 31.35 -2.61
C ILE C 33 9.03 30.96 -1.31
N PHE C 34 9.68 30.05 -0.57
CA PHE C 34 9.16 29.55 0.68
C PHE C 34 10.22 29.66 1.78
N VAL C 35 9.75 29.80 3.02
CA VAL C 35 10.61 29.84 4.19
C VAL C 35 11.05 28.42 4.53
N GLN C 36 12.36 28.14 4.48
CA GLN C 36 12.91 26.85 4.87
C GLN C 36 13.54 26.86 6.27
N LEU C 37 13.83 28.05 6.84
CA LEU C 37 14.30 28.11 8.23
C LEU C 37 14.12 29.50 8.81
N VAL C 38 13.70 29.51 10.09
CA VAL C 38 13.59 30.70 10.92
C VAL C 38 14.40 30.44 12.19
N GLN C 39 15.29 31.37 12.55
CA GLN C 39 16.03 31.28 13.80
C GLN C 39 15.20 31.85 14.96
N ALA C 40 15.31 31.22 16.13
CA ALA C 40 14.74 31.78 17.34
C ALA C 40 15.37 33.13 17.67
N ASN C 41 14.61 33.99 18.35
N ASN C 41 14.61 33.98 18.38
CA ASN C 41 15.11 35.26 18.87
CA ASN C 41 15.04 35.28 18.87
C ASN C 41 15.55 36.15 17.72
C ASN C 41 15.54 36.13 17.72
N SER C 42 14.92 35.97 16.55
CA SER C 42 15.28 36.71 15.35
C SER C 42 14.15 37.68 15.01
N PRO C 43 14.42 38.79 14.31
CA PRO C 43 13.34 39.69 13.89
C PRO C 43 12.23 38.95 13.16
N ALA C 44 12.64 37.91 12.42
CA ALA C 44 11.78 37.03 11.65
C ALA C 44 10.81 36.26 12.55
N SER C 45 11.36 35.56 13.55
CA SER C 45 10.52 34.80 14.47
C SER C 45 9.56 35.75 15.19
N LEU C 46 10.07 36.91 15.60
CA LEU C 46 9.31 37.78 16.49
C LEU C 46 8.14 38.43 15.76
N VAL C 47 8.17 38.45 14.43
CA VAL C 47 7.10 39.12 13.72
C VAL C 47 6.11 38.08 13.16
N GLY C 48 6.39 36.77 13.34
CA GLY C 48 5.39 35.73 13.09
C GLY C 48 5.84 34.58 12.18
N LEU C 49 6.62 34.87 11.12
CA LEU C 49 6.95 33.94 10.05
C LEU C 49 7.33 32.56 10.58
N ARG C 50 6.94 31.52 9.82
CA ARG C 50 7.11 30.13 10.22
C ARG C 50 7.61 29.31 9.04
N PHE C 51 8.29 28.22 9.38
CA PHE C 51 8.63 27.21 8.39
C PHE C 51 7.40 26.89 7.56
N GLY C 52 7.54 27.03 6.24
CA GLY C 52 6.50 26.64 5.30
C GLY C 52 5.81 27.83 4.64
N ASP C 53 6.02 29.05 5.19
CA ASP C 53 5.36 30.24 4.68
C ASP C 53 5.79 30.49 3.23
N GLN C 54 4.89 31.01 2.39
CA GLN C 54 5.23 31.42 1.04
C GLN C 54 5.39 32.93 1.04
N VAL C 55 6.52 33.41 0.49
CA VAL C 55 6.73 34.83 0.28
C VAL C 55 6.42 35.17 -1.18
N LEU C 56 5.56 36.17 -1.35
CA LEU C 56 5.01 36.55 -2.64
C LEU C 56 5.74 37.79 -3.18
N GLN C 57 5.79 38.85 -2.35
CA GLN C 57 6.54 40.07 -2.65
C GLN C 57 7.52 40.39 -1.53
N ILE C 58 8.60 41.09 -1.90
CA ILE C 58 9.55 41.64 -0.96
C ILE C 58 9.79 43.10 -1.32
N ASN C 59 9.37 44.01 -0.43
CA ASN C 59 9.33 45.44 -0.70
C ASN C 59 8.58 45.70 -2.02
N GLY C 60 7.47 44.98 -2.23
CA GLY C 60 6.51 45.25 -3.29
C GLY C 60 6.96 44.75 -4.67
N GLU C 61 7.98 43.87 -4.71
CA GLU C 61 8.35 43.18 -5.93
C GLU C 61 7.84 41.75 -5.84
N ASN C 62 7.50 41.16 -6.99
CA ASN C 62 6.96 39.81 -7.02
C ASN C 62 8.09 38.78 -6.94
N CYS C 63 8.03 37.90 -5.94
CA CYS C 63 9.06 36.89 -5.77
C CYS C 63 9.01 35.85 -6.89
N ALA C 64 7.86 35.75 -7.58
CA ALA C 64 7.61 34.66 -8.51
C ALA C 64 8.80 34.43 -9.45
N GLY C 65 9.27 33.19 -9.47
CA GLY C 65 10.26 32.74 -10.43
C GLY C 65 11.70 32.92 -9.96
N TRP C 66 11.91 33.61 -8.83
CA TRP C 66 13.24 33.85 -8.28
C TRP C 66 13.90 32.57 -7.79
N SER C 67 15.23 32.51 -7.95
CA SER C 67 16.05 31.50 -7.32
C SER C 67 16.19 31.81 -5.83
N SER C 68 16.56 30.79 -5.06
CA SER C 68 16.88 30.94 -3.66
C SER C 68 17.97 32.01 -3.51
N ASP C 69 19.00 31.94 -4.36
CA ASP C 69 20.14 32.85 -4.34
C ASP C 69 19.67 34.29 -4.51
N LYS C 70 18.72 34.53 -5.43
CA LYS C 70 18.28 35.89 -5.70
C LYS C 70 17.38 36.40 -4.57
N ALA C 71 16.69 35.49 -3.87
CA ALA C 71 15.87 35.93 -2.75
C ALA C 71 16.80 36.43 -1.65
N HIS C 72 17.85 35.65 -1.39
CA HIS C 72 18.83 36.04 -0.37
C HIS C 72 19.46 37.37 -0.75
N LYS C 73 19.86 37.50 -2.02
CA LYS C 73 20.63 38.67 -2.40
C LYS C 73 19.79 39.94 -2.22
N VAL C 74 18.52 39.92 -2.63
CA VAL C 74 17.67 41.10 -2.58
C VAL C 74 17.50 41.56 -1.13
N LEU C 75 17.40 40.58 -0.23
CA LEU C 75 17.22 40.87 1.17
C LEU C 75 18.51 41.45 1.75
N LYS C 76 19.66 40.81 1.46
CA LYS C 76 20.91 41.30 2.02
C LYS C 76 21.15 42.75 1.60
N GLN C 77 20.64 43.15 0.42
CA GLN C 77 20.91 44.47 -0.12
C GLN C 77 19.97 45.53 0.42
N ALA C 78 18.93 45.10 1.15
CA ALA C 78 17.89 46.00 1.62
C ALA C 78 18.32 46.67 2.94
N PHE C 79 18.49 47.99 2.91
CA PHE C 79 19.03 48.72 4.06
C PHE C 79 18.15 49.92 4.40
N GLY C 80 16.95 49.98 3.82
CA GLY C 80 15.89 50.82 4.38
C GLY C 80 15.58 50.39 5.81
N GLU C 81 14.99 51.30 6.59
CA GLU C 81 14.76 51.05 8.01
C GLU C 81 13.76 49.91 8.18
N LYS C 82 12.72 49.92 7.34
CA LYS C 82 11.63 48.96 7.38
C LYS C 82 11.81 47.97 6.22
N ILE C 83 11.36 46.73 6.40
CA ILE C 83 11.35 45.75 5.33
C ILE C 83 9.97 45.10 5.26
N THR C 84 9.34 45.18 4.07
CA THR C 84 7.98 44.68 3.87
C THR C 84 8.01 43.35 3.12
N MET C 85 7.25 42.38 3.65
CA MET C 85 7.04 41.08 3.03
C MET C 85 5.54 40.76 3.04
N THR C 86 5.03 40.27 1.90
CA THR C 86 3.65 39.79 1.77
C THR C 86 3.66 38.26 1.80
N ILE C 87 2.90 37.66 2.72
CA ILE C 87 3.02 36.24 3.06
C ILE C 87 1.70 35.53 2.77
N ARG C 88 1.77 34.23 2.48
CA ARG C 88 0.59 33.37 2.47
C ARG C 88 0.90 32.17 3.37
N ASP C 89 -0.06 31.87 4.25
CA ASP C 89 0.15 30.99 5.39
C ASP C 89 0.32 29.54 4.92
N ARG C 90 1.38 28.92 5.46
CA ARG C 90 1.82 27.55 5.21
C ARG C 90 0.99 26.74 4.21
N PRO C 91 1.05 27.03 2.88
CA PRO C 91 0.12 26.46 1.91
C PRO C 91 0.24 24.97 1.58
N PHE C 92 1.38 24.36 1.89
CA PHE C 92 1.53 22.93 1.69
C PHE C 92 1.07 22.17 2.93
N GLU C 93 0.66 22.90 3.98
CA GLU C 93 0.46 22.27 5.28
C GLU C 93 -1.02 22.24 5.65
N ARG C 94 -1.36 21.22 6.46
N ARG C 94 -1.40 21.24 6.45
CA ARG C 94 -2.68 21.03 7.04
CA ARG C 94 -2.72 21.19 7.06
C ARG C 94 -2.54 20.73 8.54
C ARG C 94 -2.59 20.66 8.49
N THR C 95 -3.63 20.88 9.31
CA THR C 95 -3.59 20.56 10.73
C THR C 95 -4.78 19.67 11.13
N ILE C 96 -4.50 18.70 12.01
CA ILE C 96 -5.44 17.65 12.39
C ILE C 96 -5.55 17.64 13.91
N THR C 97 -6.78 17.77 14.44
CA THR C 97 -7.00 17.63 15.87
C THR C 97 -7.38 16.18 16.18
N MET C 98 -6.82 15.65 17.28
CA MET C 98 -7.08 14.29 17.73
C MET C 98 -7.18 14.27 19.26
N HIS C 99 -7.99 13.33 19.80
CA HIS C 99 -8.19 13.15 21.24
C HIS C 99 -7.57 11.82 21.65
N LYS C 100 -6.66 11.83 22.62
CA LYS C 100 -5.95 10.61 22.99
C LYS C 100 -6.94 9.63 23.60
N ASP C 101 -6.56 8.34 23.62
CA ASP C 101 -7.39 7.34 24.26
C ASP C 101 -7.17 7.41 25.78
N SER C 102 -7.62 6.39 26.50
CA SER C 102 -7.41 6.28 27.93
C SER C 102 -5.95 6.02 28.24
N THR C 103 -5.28 5.20 27.43
CA THR C 103 -3.87 4.90 27.61
C THR C 103 -3.03 6.11 27.21
N GLY C 104 -3.63 7.10 26.55
CA GLY C 104 -2.92 8.31 26.18
C GLY C 104 -2.10 8.15 24.90
N HIS C 105 -2.62 7.36 23.96
CA HIS C 105 -2.07 7.26 22.61
C HIS C 105 -2.97 8.00 21.64
N VAL C 106 -2.36 8.54 20.56
CA VAL C 106 -3.11 9.26 19.53
C VAL C 106 -3.61 8.27 18.48
N GLY C 107 -2.76 7.27 18.19
CA GLY C 107 -3.03 6.19 17.25
C GLY C 107 -2.20 6.30 15.97
N PHE C 108 -0.90 6.60 16.11
CA PHE C 108 -0.04 6.56 14.94
C PHE C 108 1.42 6.26 15.32
N ILE C 109 2.24 6.06 14.28
CA ILE C 109 3.62 5.65 14.38
C ILE C 109 4.44 6.55 13.45
N PHE C 110 5.71 6.81 13.81
CA PHE C 110 6.52 7.66 12.98
C PHE C 110 8.00 7.37 13.15
N LYS C 111 8.78 7.91 12.21
CA LYS C 111 10.18 7.62 12.03
C LYS C 111 10.78 8.75 11.20
N ASN C 112 11.75 9.48 11.78
CA ASN C 112 12.33 10.69 11.19
C ASN C 112 11.25 11.74 10.98
N GLY C 113 10.24 11.75 11.85
CA GLY C 113 9.17 12.74 11.77
C GLY C 113 8.11 12.41 10.72
N LYS C 114 8.36 11.39 9.88
CA LYS C 114 7.39 10.97 8.90
C LYS C 114 6.46 9.94 9.53
N ILE C 115 5.16 10.11 9.30
CA ILE C 115 4.14 9.20 9.79
C ILE C 115 4.12 7.95 8.90
N THR C 116 4.09 6.77 9.53
CA THR C 116 4.35 5.55 8.78
C THR C 116 3.28 4.49 8.98
N SER C 117 2.38 4.67 9.96
CA SER C 117 1.25 3.78 10.10
C SER C 117 0.17 4.44 10.95
N ILE C 118 -1.09 4.03 10.73
CA ILE C 118 -2.22 4.58 11.45
C ILE C 118 -2.92 3.40 12.09
N VAL C 119 -3.62 3.64 13.20
CA VAL C 119 -4.23 2.57 13.99
C VAL C 119 -5.70 2.45 13.60
N LYS C 120 -6.18 1.21 13.47
CA LYS C 120 -7.59 0.96 13.23
C LYS C 120 -8.40 1.43 14.44
N ASP C 121 -9.44 2.24 14.19
CA ASP C 121 -10.27 2.80 15.25
C ASP C 121 -9.38 3.55 16.24
N SER C 122 -8.79 4.64 15.74
CA SER C 122 -8.08 5.62 16.57
C SER C 122 -8.54 7.01 16.15
N SER C 123 -8.20 8.02 16.97
CA SER C 123 -8.67 9.37 16.70
C SER C 123 -7.95 9.92 15.46
N ALA C 124 -6.72 9.44 15.28
CA ALA C 124 -5.98 9.62 14.04
C ALA C 124 -6.85 9.21 12.84
N ALA C 125 -7.29 7.95 12.84
CA ALA C 125 -8.05 7.41 11.74
C ALA C 125 -9.38 8.14 11.59
N ARG C 126 -10.16 8.22 12.69
CA ARG C 126 -11.40 8.98 12.73
C ARG C 126 -11.25 10.33 12.02
N ASN C 127 -10.11 11.01 12.22
CA ASN C 127 -9.91 12.34 11.63
C ASN C 127 -9.02 12.31 10.38
N GLY C 128 -8.57 11.11 9.95
CA GLY C 128 -7.99 10.96 8.62
C GLY C 128 -6.59 11.54 8.48
N LEU C 129 -5.72 11.12 9.40
CA LEU C 129 -4.29 11.38 9.33
C LEU C 129 -3.68 10.38 8.36
N LEU C 130 -2.74 10.87 7.55
CA LEU C 130 -2.21 10.18 6.39
C LEU C 130 -0.77 9.77 6.65
N THR C 131 -0.37 8.64 6.06
CA THR C 131 1.01 8.21 6.04
C THR C 131 1.70 9.03 4.97
N GLU C 132 3.03 8.92 4.93
CA GLU C 132 3.86 9.65 3.98
C GLU C 132 3.72 11.16 4.21
N HIS C 133 3.47 11.55 5.47
CA HIS C 133 3.40 12.95 5.83
C HIS C 133 4.40 13.26 6.95
N ASN C 134 5.13 14.37 6.83
CA ASN C 134 6.03 14.84 7.88
C ASN C 134 5.29 15.74 8.87
N ILE C 135 5.51 15.50 10.18
CA ILE C 135 5.03 16.37 11.22
C ILE C 135 5.89 17.65 11.22
N CYS C 136 5.23 18.79 11.17
CA CYS C 136 5.88 20.08 11.09
C CYS C 136 5.80 20.83 12.43
N GLU C 137 4.62 20.71 13.07
CA GLU C 137 4.33 21.40 14.31
C GLU C 137 3.50 20.49 15.21
N ILE C 138 3.57 20.70 16.53
CA ILE C 138 2.60 20.15 17.45
C ILE C 138 2.03 21.29 18.28
N ASN C 139 0.71 21.40 18.29
CA ASN C 139 0.02 22.49 18.95
C ASN C 139 0.73 23.80 18.63
N GLY C 140 1.14 23.98 17.38
CA GLY C 140 1.76 25.23 16.94
C GLY C 140 3.25 25.32 17.27
N GLN C 141 3.78 24.40 18.06
CA GLN C 141 5.22 24.30 18.26
C GLN C 141 5.89 23.61 17.06
N ASN C 142 6.72 24.34 16.30
CA ASN C 142 7.61 23.78 15.28
C ASN C 142 8.51 22.70 15.88
N VAL C 143 8.60 21.51 15.25
CA VAL C 143 9.49 20.45 15.73
C VAL C 143 10.51 20.02 14.66
N ILE C 144 10.75 20.88 13.68
CA ILE C 144 11.63 20.54 12.59
C ILE C 144 13.07 20.51 13.09
N GLY C 145 13.76 19.37 12.91
CA GLY C 145 15.11 19.19 13.42
C GLY C 145 15.16 18.20 14.59
N LEU C 146 14.22 18.31 15.52
CA LEU C 146 14.14 17.46 16.70
C LEU C 146 14.20 15.96 16.35
N LYS C 147 14.85 15.18 17.20
CA LYS C 147 14.88 13.74 17.07
C LYS C 147 13.52 13.18 17.46
N ASP C 148 13.23 11.95 17.01
CA ASP C 148 11.94 11.35 17.28
C ASP C 148 11.65 11.36 18.78
N SER C 149 12.68 11.07 19.59
CA SER C 149 12.49 10.91 21.03
C SER C 149 12.04 12.22 21.67
N GLN C 150 12.55 13.35 21.15
CA GLN C 150 12.11 14.65 21.63
C GLN C 150 10.64 14.89 21.25
N ILE C 151 10.33 14.55 19.99
CA ILE C 151 9.00 14.67 19.41
C ILE C 151 8.00 13.87 20.26
N ALA C 152 8.39 12.67 20.65
CA ALA C 152 7.50 11.76 21.37
C ALA C 152 7.21 12.28 22.78
N ASP C 153 8.23 12.88 23.42
CA ASP C 153 8.05 13.44 24.75
C ASP C 153 7.06 14.60 24.69
N ILE C 154 7.07 15.35 23.58
CA ILE C 154 6.16 16.47 23.38
C ILE C 154 4.71 15.97 23.34
N LEU C 155 4.50 14.78 22.77
CA LEU C 155 3.15 14.28 22.56
C LEU C 155 2.53 13.88 23.90
N SER C 156 3.31 13.16 24.72
CA SER C 156 2.84 12.73 26.04
C SER C 156 2.61 13.94 26.95
N THR C 157 3.39 15.02 26.79
CA THR C 157 3.26 16.20 27.63
C THR C 157 2.32 17.26 27.03
N SER C 158 1.53 16.89 26.02
CA SER C 158 0.35 17.66 25.72
C SER C 158 -0.85 17.05 26.41
N GLY C 159 -2.01 17.70 26.26
CA GLY C 159 -3.23 17.25 26.92
C GLY C 159 -3.91 16.13 26.14
N THR C 160 -5.18 15.86 26.47
CA THR C 160 -5.90 14.80 25.78
C THR C 160 -6.14 15.23 24.33
N VAL C 161 -6.37 16.53 24.14
CA VAL C 161 -6.47 17.15 22.82
C VAL C 161 -5.06 17.49 22.33
N VAL C 162 -4.77 17.11 21.07
CA VAL C 162 -3.48 17.24 20.42
C VAL C 162 -3.73 17.65 18.96
N THR C 163 -3.02 18.69 18.51
CA THR C 163 -3.13 19.17 17.14
C THR C 163 -1.81 18.96 16.40
N ILE C 164 -1.84 18.30 15.23
CA ILE C 164 -0.63 18.06 14.44
C ILE C 164 -0.70 18.85 13.15
N THR C 165 0.43 19.40 12.70
CA THR C 165 0.53 20.07 11.42
C THR C 165 1.36 19.18 10.51
N ILE C 166 0.77 18.78 9.37
CA ILE C 166 1.45 17.85 8.50
C ILE C 166 1.64 18.45 7.12
N MET C 167 2.66 17.91 6.44
CA MET C 167 2.99 18.25 5.07
C MET C 167 3.30 16.94 4.34
N PRO C 168 2.88 16.78 3.06
CA PRO C 168 3.26 15.60 2.26
C PRO C 168 4.78 15.46 2.13
N ALA C 169 5.26 14.24 2.39
CA ALA C 169 6.68 13.96 2.53
C ALA C 169 7.51 14.44 1.35
N PHE C 170 7.00 14.28 0.11
N PHE C 170 7.03 14.26 0.11
CA PHE C 170 7.81 14.58 -1.06
CA PHE C 170 7.81 14.59 -1.08
C PHE C 170 8.01 16.09 -1.17
C PHE C 170 8.05 16.10 -1.13
N ILE C 171 7.07 16.89 -0.66
CA ILE C 171 7.22 18.34 -0.68
C ILE C 171 8.18 18.77 0.43
N PHE C 172 8.00 18.14 1.60
CA PHE C 172 8.87 18.36 2.73
C PHE C 172 10.34 18.13 2.39
N GLU C 173 10.63 16.98 1.76
CA GLU C 173 12.00 16.58 1.44
C GLU C 173 12.61 17.59 0.48
N HIS C 174 11.78 18.24 -0.33
CA HIS C 174 12.25 19.23 -1.28
C HIS C 174 12.51 20.56 -0.58
N ILE C 175 11.69 20.90 0.44
CA ILE C 175 11.81 22.19 1.12
C ILE C 175 13.13 22.28 1.86
N ILE C 176 13.57 21.16 2.46
CA ILE C 176 14.69 21.15 3.38
C ILE C 176 16.04 20.92 2.67
N LYS C 177 16.02 20.61 1.35
CA LYS C 177 17.22 20.63 0.52
C LYS C 177 17.88 22.00 0.60
N ARG C 178 19.22 22.01 0.36
CA ARG C 178 20.09 23.20 0.40
C ARG C 178 20.35 23.59 1.86
N MET C 179 20.23 22.61 2.76
CA MET C 179 20.33 22.87 4.17
C MET C 179 20.77 21.58 4.86
N ALA C 180 21.64 21.71 5.87
CA ALA C 180 22.31 20.57 6.49
C ALA C 180 21.69 20.28 7.86
N PRO C 181 21.43 18.99 8.21
CA PRO C 181 20.80 18.61 9.48
C PRO C 181 21.35 19.18 10.79
N SER C 182 22.61 19.60 10.78
CA SER C 182 23.25 20.19 11.94
C SER C 182 22.77 21.63 12.17
N ILE C 183 22.65 22.42 11.09
CA ILE C 183 22.21 23.80 11.18
C ILE C 183 20.71 23.85 11.42
N MET C 184 19.99 22.91 10.79
CA MET C 184 18.54 22.82 10.99
C MET C 184 18.27 22.64 12.47
N LYS C 185 18.93 21.65 13.07
CA LYS C 185 18.68 21.24 14.44
C LYS C 185 18.96 22.40 15.41
N SER C 186 20.06 23.13 15.20
CA SER C 186 20.52 24.13 16.18
C SER C 186 19.99 25.54 15.91
N LEU C 187 19.60 25.87 14.68
CA LEU C 187 19.14 27.22 14.38
C LEU C 187 17.61 27.33 14.43
N MET C 188 16.90 26.25 14.07
CA MET C 188 15.47 26.34 13.80
C MET C 188 14.75 26.78 15.07
N ASP C 189 13.99 27.87 14.94
CA ASP C 189 13.03 28.28 15.94
C ASP C 189 12.18 27.07 16.33
N HIS C 190 12.09 26.81 17.64
CA HIS C 190 11.22 25.81 18.24
C HIS C 190 10.42 26.44 19.38
N THR C 191 10.37 27.77 19.42
CA THR C 191 9.87 28.52 20.55
C THR C 191 8.41 28.15 20.83
N ILE C 192 8.01 28.20 22.11
CA ILE C 192 6.60 28.39 22.46
C ILE C 192 6.37 29.89 22.61
N PRO C 193 5.48 30.51 21.79
CA PRO C 193 5.37 31.97 21.76
C PRO C 193 4.66 32.55 22.98
N GLU C 194 3.46 32.03 23.29
CA GLU C 194 2.68 32.47 24.45
C GLU C 194 1.93 31.26 25.01
N VAL C 195 1.86 31.20 26.34
CA VAL C 195 1.24 30.06 26.99
C VAL C 195 -0.19 30.46 27.36
N ILE D 5 19.80 -18.01 31.23
CA ILE D 5 20.89 -19.03 31.27
C ILE D 5 21.01 -19.56 32.70
N LYS D 6 20.54 -20.79 32.93
CA LYS D 6 20.65 -21.45 34.23
C LYS D 6 22.09 -21.93 34.41
N GLN D 7 22.62 -21.88 35.65
CA GLN D 7 23.90 -22.51 35.95
C GLN D 7 23.64 -23.94 36.41
N GLY D 8 24.71 -24.74 36.51
CA GLY D 8 24.55 -26.14 36.82
C GLY D 8 23.77 -26.89 35.73
N ILE D 9 23.56 -28.17 36.05
CA ILE D 9 23.34 -29.20 35.06
C ILE D 9 21.89 -29.64 35.16
N ARG D 10 21.37 -30.40 34.17
CA ARG D 10 20.07 -31.07 34.29
C ARG D 10 20.06 -32.32 33.40
N GLU D 11 19.29 -33.34 33.82
CA GLU D 11 19.04 -34.53 33.01
C GLU D 11 17.80 -34.31 32.16
N VAL D 12 17.72 -35.03 31.04
CA VAL D 12 16.51 -35.11 30.25
C VAL D 12 16.33 -36.56 29.79
N ILE D 13 15.08 -36.94 29.50
CA ILE D 13 14.74 -38.28 29.04
C ILE D 13 13.85 -38.10 27.80
N LEU D 14 14.17 -38.83 26.71
CA LEU D 14 13.51 -38.67 25.44
C LEU D 14 13.11 -40.03 24.87
N CYS D 15 12.21 -39.96 23.88
CA CYS D 15 11.83 -41.10 23.08
C CYS D 15 11.87 -40.71 21.60
N LYS D 16 12.52 -41.58 20.80
CA LYS D 16 12.64 -41.36 19.37
C LYS D 16 11.24 -41.35 18.76
N ASP D 17 11.01 -40.51 17.75
CA ASP D 17 9.69 -40.43 17.16
C ASP D 17 9.43 -41.67 16.30
N GLN D 18 8.43 -41.58 15.41
CA GLN D 18 8.01 -42.71 14.60
C GLN D 18 9.17 -43.16 13.72
N ASP D 19 9.95 -42.18 13.23
CA ASP D 19 10.99 -42.40 12.24
C ASP D 19 12.33 -42.82 12.86
N GLY D 20 12.44 -42.78 14.20
CA GLY D 20 13.70 -43.05 14.86
C GLY D 20 14.57 -41.79 15.01
N LYS D 21 13.92 -40.62 14.93
CA LYS D 21 14.59 -39.34 15.13
C LYS D 21 14.27 -38.77 16.51
N ILE D 22 15.18 -37.95 17.03
CA ILE D 22 14.95 -37.24 18.27
C ILE D 22 14.91 -35.73 18.03
N GLY D 23 15.62 -35.26 17.02
CA GLY D 23 15.41 -33.92 16.48
C GLY D 23 16.58 -32.98 16.76
N LEU D 24 17.80 -33.51 16.53
CA LEU D 24 19.07 -32.90 16.95
C LEU D 24 20.14 -32.91 15.86
N ARG D 25 20.97 -31.87 15.88
CA ARG D 25 22.31 -31.93 15.32
C ARG D 25 23.30 -31.48 16.39
N LEU D 26 24.39 -32.24 16.51
CA LEU D 26 25.46 -31.99 17.47
C LEU D 26 26.70 -31.46 16.77
N LYS D 27 27.52 -30.67 17.49
CA LYS D 27 28.79 -30.16 16.97
C LYS D 27 29.92 -30.23 18.02
N SER D 28 31.13 -30.67 17.61
CA SER D 28 32.26 -30.72 18.53
C SER D 28 32.89 -29.34 18.67
N ILE D 29 33.07 -28.88 19.92
CA ILE D 29 33.77 -27.63 20.20
C ILE D 29 34.62 -27.82 21.46
N ASP D 30 35.94 -27.58 21.35
CA ASP D 30 36.86 -27.59 22.48
C ASP D 30 36.74 -28.87 23.32
N ASN D 31 36.47 -30.01 22.64
CA ASN D 31 36.44 -31.35 23.22
C ASN D 31 35.17 -31.53 24.05
N GLY D 32 34.22 -30.61 23.81
CA GLY D 32 32.82 -30.79 24.18
C GLY D 32 31.94 -31.06 22.97
N ILE D 33 30.67 -31.41 23.27
CA ILE D 33 29.61 -31.61 22.30
C ILE D 33 28.53 -30.58 22.58
N PHE D 34 28.19 -29.80 21.56
CA PHE D 34 27.17 -28.78 21.67
C PHE D 34 26.06 -29.04 20.64
N VAL D 35 24.87 -28.54 20.97
CA VAL D 35 23.68 -28.59 20.13
C VAL D 35 23.73 -27.46 19.11
N GLN D 36 23.66 -27.87 17.85
CA GLN D 36 23.74 -26.99 16.68
C GLN D 36 22.34 -26.72 16.13
N LEU D 37 21.44 -27.70 16.29
CA LEU D 37 20.07 -27.55 15.83
C LEU D 37 19.10 -28.36 16.69
N VAL D 38 17.95 -27.69 16.88
CA VAL D 38 16.78 -28.30 17.49
C VAL D 38 15.61 -28.10 16.54
N GLN D 39 15.00 -29.23 16.15
CA GLN D 39 13.87 -29.21 15.24
C GLN D 39 12.57 -28.84 15.96
N ALA D 40 11.81 -27.94 15.30
CA ALA D 40 10.41 -27.68 15.58
C ALA D 40 9.63 -29.00 15.80
N ASN D 41 9.10 -29.18 17.01
CA ASN D 41 8.07 -30.18 17.31
C ASN D 41 8.69 -31.56 17.46
N SER D 42 9.94 -31.57 17.91
CA SER D 42 10.73 -32.79 17.97
C SER D 42 10.78 -33.29 19.42
N PRO D 43 11.00 -34.59 19.68
CA PRO D 43 11.29 -35.03 21.04
C PRO D 43 12.25 -34.09 21.79
N ALA D 44 13.26 -33.60 21.08
CA ALA D 44 14.25 -32.72 21.66
C ALA D 44 13.61 -31.43 22.21
N SER D 45 12.86 -30.71 21.37
CA SER D 45 12.25 -29.44 21.73
C SER D 45 11.28 -29.62 22.90
N LEU D 46 10.49 -30.71 22.86
CA LEU D 46 9.46 -30.92 23.86
C LEU D 46 10.08 -31.12 25.23
N VAL D 47 11.34 -31.57 25.30
CA VAL D 47 11.99 -31.71 26.60
C VAL D 47 12.83 -30.46 26.89
N GLY D 48 12.84 -29.48 25.97
CA GLY D 48 13.50 -28.21 26.22
C GLY D 48 15.01 -28.14 25.94
N LEU D 49 15.55 -29.02 25.09
CA LEU D 49 16.86 -28.77 24.50
C LEU D 49 16.76 -27.50 23.64
N ARG D 50 17.83 -26.68 23.67
CA ARG D 50 17.98 -25.49 22.84
C ARG D 50 19.34 -25.40 22.16
N PHE D 51 19.35 -24.63 21.06
CA PHE D 51 20.56 -24.24 20.40
C PHE D 51 21.54 -23.76 21.46
N GLY D 52 22.78 -24.30 21.48
CA GLY D 52 23.82 -23.86 22.41
C GLY D 52 24.04 -24.80 23.60
N ASP D 53 23.08 -25.66 23.95
CA ASP D 53 23.29 -26.49 25.12
C ASP D 53 24.53 -27.37 24.91
N GLN D 54 25.20 -27.76 26.01
CA GLN D 54 26.30 -28.70 26.00
C GLN D 54 25.79 -30.06 26.45
N VAL D 55 26.24 -31.14 25.79
CA VAL D 55 25.82 -32.48 26.16
C VAL D 55 26.99 -33.20 26.83
N LEU D 56 26.80 -33.53 28.10
CA LEU D 56 27.87 -34.01 28.96
C LEU D 56 27.90 -35.53 28.96
N GLN D 57 26.72 -36.15 29.03
CA GLN D 57 26.58 -37.59 28.92
C GLN D 57 25.43 -37.89 27.98
N ILE D 58 25.52 -39.07 27.33
CA ILE D 58 24.41 -39.72 26.66
C ILE D 58 24.37 -41.15 27.18
N ASN D 59 23.21 -41.52 27.72
CA ASN D 59 22.97 -42.77 28.43
C ASN D 59 24.11 -43.07 29.39
N GLY D 60 24.54 -42.04 30.16
CA GLY D 60 25.49 -42.21 31.25
C GLY D 60 26.95 -42.30 30.80
N GLU D 61 27.24 -42.02 29.52
CA GLU D 61 28.54 -42.19 28.91
C GLU D 61 29.05 -40.80 28.52
N ASN D 62 30.30 -40.46 28.86
CA ASN D 62 30.77 -39.08 28.77
C ASN D 62 31.06 -38.71 27.32
N CYS D 63 30.49 -37.59 26.88
CA CYS D 63 30.62 -37.15 25.50
C CYS D 63 31.99 -36.56 25.22
N ALA D 64 32.77 -36.28 26.27
CA ALA D 64 34.01 -35.52 26.15
C ALA D 64 34.98 -36.19 25.19
N GLY D 65 35.51 -35.37 24.27
CA GLY D 65 36.45 -35.82 23.27
C GLY D 65 35.77 -36.16 21.94
N TRP D 66 34.51 -36.60 21.99
CA TRP D 66 33.84 -37.12 20.81
C TRP D 66 33.86 -36.10 19.66
N SER D 67 34.01 -36.64 18.44
CA SER D 67 33.73 -35.88 17.23
C SER D 67 32.22 -35.78 17.06
N SER D 68 31.78 -34.82 16.24
CA SER D 68 30.40 -34.75 15.79
C SER D 68 29.86 -36.11 15.36
N ASP D 69 30.59 -36.76 14.44
CA ASP D 69 30.20 -38.03 13.83
C ASP D 69 29.89 -39.08 14.89
N LYS D 70 30.74 -39.16 15.90
CA LYS D 70 30.58 -40.17 16.92
C LYS D 70 29.36 -39.86 17.77
N ALA D 71 29.14 -38.57 18.06
CA ALA D 71 27.97 -38.18 18.82
C ALA D 71 26.73 -38.66 18.09
N HIS D 72 26.67 -38.32 16.79
CA HIS D 72 25.53 -38.69 15.97
C HIS D 72 25.38 -40.21 15.92
N LYS D 73 26.51 -40.92 15.83
CA LYS D 73 26.44 -42.35 15.63
C LYS D 73 25.87 -42.99 16.90
N VAL D 74 26.35 -42.55 18.06
CA VAL D 74 25.93 -43.10 19.34
C VAL D 74 24.41 -42.92 19.53
N LEU D 75 23.86 -41.79 19.05
CA LEU D 75 22.45 -41.50 19.23
C LEU D 75 21.62 -42.35 18.27
N LYS D 76 22.05 -42.45 17.00
CA LYS D 76 21.38 -43.33 16.04
C LYS D 76 21.31 -44.76 16.57
N GLN D 77 22.40 -45.28 17.16
CA GLN D 77 22.45 -46.67 17.58
C GLN D 77 21.92 -46.92 18.99
N ALA D 78 21.21 -45.95 19.59
CA ALA D 78 20.58 -46.12 20.90
C ALA D 78 19.14 -46.61 20.74
N PHE D 79 18.73 -47.54 21.62
CA PHE D 79 17.33 -47.93 21.68
C PHE D 79 16.49 -46.73 22.11
N GLY D 80 15.35 -46.52 21.41
CA GLY D 80 14.67 -45.23 21.40
C GLY D 80 13.48 -45.17 22.36
N GLU D 81 13.33 -46.21 23.18
CA GLU D 81 12.29 -46.26 24.20
C GLU D 81 12.60 -45.22 25.28
N LYS D 82 13.85 -45.23 25.79
CA LYS D 82 14.27 -44.29 26.82
C LYS D 82 15.72 -43.87 26.57
N ILE D 83 15.94 -42.58 26.28
CA ILE D 83 17.28 -42.04 26.15
C ILE D 83 17.50 -40.93 27.18
N THR D 84 18.60 -41.03 27.92
CA THR D 84 18.98 -40.03 28.90
C THR D 84 20.10 -39.15 28.33
N MET D 85 20.06 -37.85 28.62
CA MET D 85 21.17 -36.94 28.38
C MET D 85 21.33 -36.08 29.63
N THR D 86 22.58 -35.79 30.01
CA THR D 86 22.91 -34.79 31.02
C THR D 86 23.40 -33.51 30.34
N ILE D 87 22.75 -32.37 30.63
CA ILE D 87 22.83 -31.13 29.86
C ILE D 87 23.34 -29.97 30.72
N ARG D 88 24.24 -29.14 30.15
CA ARG D 88 24.61 -27.89 30.77
C ARG D 88 24.03 -26.76 29.93
N ASP D 89 23.41 -25.76 30.56
CA ASP D 89 22.64 -24.76 29.81
C ASP D 89 23.52 -23.71 29.13
N ARG D 90 23.31 -23.58 27.82
CA ARG D 90 23.78 -22.47 26.98
C ARG D 90 25.05 -21.78 27.52
N PRO D 91 26.15 -22.55 27.66
CA PRO D 91 27.35 -22.07 28.35
C PRO D 91 28.13 -20.96 27.67
N PHE D 92 27.99 -20.84 26.36
CA PHE D 92 28.71 -19.83 25.62
C PHE D 92 27.88 -18.57 25.44
N GLU D 93 26.69 -18.53 26.05
CA GLU D 93 25.72 -17.47 25.80
C GLU D 93 25.41 -16.69 27.09
N ARG D 94 24.96 -15.44 26.95
CA ARG D 94 24.48 -14.64 28.08
C ARG D 94 23.26 -13.80 27.69
N THR D 95 22.43 -13.47 28.68
CA THR D 95 21.19 -12.74 28.42
C THR D 95 21.25 -11.31 28.98
N ILE D 96 20.84 -10.34 28.17
CA ILE D 96 20.83 -8.96 28.58
C ILE D 96 19.40 -8.41 28.48
N THR D 97 18.89 -7.91 29.61
CA THR D 97 17.60 -7.24 29.69
C THR D 97 17.78 -5.75 29.43
N MET D 98 16.86 -5.19 28.63
CA MET D 98 16.79 -3.79 28.27
C MET D 98 15.33 -3.32 28.31
N HIS D 99 15.12 -2.02 28.21
CA HIS D 99 13.80 -1.42 28.20
C HIS D 99 13.72 -0.50 26.99
N LYS D 100 12.62 -0.59 26.25
CA LYS D 100 12.40 0.24 25.08
C LYS D 100 12.26 1.70 25.50
N ASP D 101 12.84 2.61 24.71
CA ASP D 101 12.62 4.03 24.92
C ASP D 101 11.20 4.41 24.47
N SER D 102 10.94 5.72 24.40
CA SER D 102 9.65 6.26 24.00
C SER D 102 9.31 5.90 22.55
N THR D 103 10.35 5.71 21.72
CA THR D 103 10.18 5.43 20.30
C THR D 103 10.30 3.94 19.99
N GLY D 104 10.15 3.06 21.00
CA GLY D 104 10.10 1.62 20.80
C GLY D 104 11.46 0.95 20.59
N HIS D 105 12.56 1.70 20.74
CA HIS D 105 13.91 1.19 20.52
C HIS D 105 14.62 0.86 21.84
N VAL D 106 15.71 0.09 21.71
CA VAL D 106 16.60 -0.20 22.83
C VAL D 106 18.03 0.27 22.55
N GLY D 107 18.37 0.53 21.28
CA GLY D 107 19.58 1.27 20.96
C GLY D 107 20.74 0.38 20.50
N PHE D 108 20.58 -0.30 19.35
CA PHE D 108 21.70 -0.93 18.67
C PHE D 108 21.45 -1.16 17.19
N ILE D 109 22.55 -1.47 16.50
CA ILE D 109 22.57 -1.76 15.07
C ILE D 109 23.16 -3.15 14.88
N PHE D 110 22.55 -3.94 13.99
CA PHE D 110 23.11 -5.23 13.65
C PHE D 110 23.01 -5.49 12.15
N LYS D 111 23.77 -6.49 11.72
CA LYS D 111 23.78 -6.97 10.35
C LYS D 111 24.20 -8.44 10.38
N ASN D 112 23.45 -9.30 9.68
CA ASN D 112 23.70 -10.73 9.63
C ASN D 112 23.61 -11.31 11.03
N GLY D 113 22.68 -10.75 11.83
CA GLY D 113 22.46 -11.22 13.18
C GLY D 113 23.57 -10.84 14.17
N LYS D 114 24.60 -10.11 13.70
CA LYS D 114 25.74 -9.76 14.52
C LYS D 114 25.61 -8.29 14.91
N ILE D 115 25.75 -7.98 16.21
CA ILE D 115 25.62 -6.61 16.69
C ILE D 115 26.86 -5.79 16.30
N THR D 116 26.66 -4.61 15.72
CA THR D 116 27.77 -3.87 15.15
C THR D 116 27.99 -2.52 15.80
N SER D 117 26.97 -1.88 16.40
CA SER D 117 27.25 -0.63 17.11
C SER D 117 26.21 -0.37 18.21
N ILE D 118 26.65 0.32 19.26
CA ILE D 118 25.80 0.63 20.40
C ILE D 118 25.49 2.12 20.38
N VAL D 119 24.29 2.50 20.81
CA VAL D 119 23.84 3.88 20.76
C VAL D 119 24.17 4.57 22.09
N LYS D 120 24.58 5.85 21.99
CA LYS D 120 24.80 6.74 23.14
C LYS D 120 23.54 6.93 23.97
N ASP D 121 23.65 6.67 25.28
CA ASP D 121 22.65 7.04 26.27
C ASP D 121 21.40 6.16 26.11
N SER D 122 21.62 4.97 25.55
CA SER D 122 20.54 4.02 25.28
C SER D 122 20.56 2.92 26.33
N SER D 123 19.45 2.18 26.40
CA SER D 123 19.33 1.05 27.31
C SER D 123 20.31 -0.07 26.97
N ALA D 124 20.71 -0.17 25.70
CA ALA D 124 21.78 -1.09 25.31
C ALA D 124 23.07 -0.73 26.04
N ALA D 125 23.33 0.58 26.11
CA ALA D 125 24.55 1.12 26.69
C ALA D 125 24.53 0.95 28.21
N ARG D 126 23.51 1.53 28.84
CA ARG D 126 23.29 1.33 30.27
C ARG D 126 23.52 -0.12 30.67
N ASN D 127 23.07 -1.11 29.88
CA ASN D 127 23.14 -2.49 30.32
C ASN D 127 24.38 -3.19 29.75
N GLY D 128 25.14 -2.46 28.94
CA GLY D 128 26.47 -2.91 28.53
C GLY D 128 26.41 -4.08 27.53
N LEU D 129 25.89 -3.76 26.36
CA LEU D 129 25.80 -4.77 25.34
C LEU D 129 27.04 -4.65 24.46
N LEU D 130 27.56 -5.81 24.05
CA LEU D 130 28.81 -5.88 23.32
C LEU D 130 28.52 -6.00 21.83
N THR D 131 29.40 -5.41 21.01
CA THR D 131 29.47 -5.68 19.59
C THR D 131 30.25 -6.96 19.37
N GLU D 132 30.37 -7.35 18.10
CA GLU D 132 30.99 -8.60 17.72
C GLU D 132 30.36 -9.76 18.50
N HIS D 133 29.03 -9.69 18.72
CA HIS D 133 28.25 -10.75 19.36
C HIS D 133 27.02 -11.07 18.51
N ASN D 134 26.73 -12.36 18.34
CA ASN D 134 25.57 -12.79 17.55
C ASN D 134 24.35 -13.01 18.45
N ILE D 135 23.23 -12.43 18.01
CA ILE D 135 21.92 -12.67 18.61
C ILE D 135 21.48 -14.12 18.40
N CYS D 136 21.19 -14.78 19.50
CA CYS D 136 20.79 -16.17 19.48
C CYS D 136 19.28 -16.28 19.77
N GLU D 137 18.76 -15.50 20.72
CA GLU D 137 17.37 -15.61 21.14
C GLU D 137 16.82 -14.22 21.43
N ILE D 138 15.50 -14.09 21.32
CA ILE D 138 14.82 -12.90 21.82
C ILE D 138 13.71 -13.34 22.74
N ASN D 139 13.80 -12.93 23.99
CA ASN D 139 12.86 -13.37 25.01
C ASN D 139 12.72 -14.89 24.96
N GLY D 140 13.83 -15.62 24.89
CA GLY D 140 13.73 -17.07 24.91
C GLY D 140 13.36 -17.71 23.56
N GLN D 141 13.02 -16.89 22.54
CA GLN D 141 12.73 -17.36 21.21
C GLN D 141 13.99 -17.39 20.34
N ASN D 142 14.41 -18.63 19.97
CA ASN D 142 15.46 -18.88 19.00
C ASN D 142 15.19 -18.15 17.68
N VAL D 143 16.19 -17.42 17.20
CA VAL D 143 16.15 -16.72 15.92
C VAL D 143 17.34 -17.08 15.02
N ILE D 144 17.95 -18.24 15.27
CA ILE D 144 19.05 -18.73 14.45
C ILE D 144 18.51 -18.98 13.03
N GLY D 145 19.16 -18.41 12.03
CA GLY D 145 18.77 -18.66 10.65
C GLY D 145 17.78 -17.64 10.06
N LEU D 146 17.14 -16.80 10.88
CA LEU D 146 16.20 -15.82 10.34
C LEU D 146 16.94 -14.64 9.71
N LYS D 147 16.22 -13.94 8.83
CA LYS D 147 16.70 -12.72 8.21
C LYS D 147 16.59 -11.59 9.22
N ASP D 148 17.45 -10.59 9.05
CA ASP D 148 17.45 -9.42 9.91
C ASP D 148 16.03 -8.88 10.05
N SER D 149 15.28 -8.84 8.95
CA SER D 149 13.94 -8.25 8.97
C SER D 149 13.00 -9.05 9.87
N GLN D 150 13.08 -10.38 9.83
CA GLN D 150 12.32 -11.20 10.77
C GLN D 150 12.69 -10.81 12.21
N ILE D 151 14.00 -10.57 12.44
CA ILE D 151 14.52 -10.30 13.77
C ILE D 151 14.03 -8.93 14.24
N ALA D 152 14.22 -7.91 13.39
CA ALA D 152 13.64 -6.59 13.65
C ALA D 152 12.17 -6.71 14.10
N ASP D 153 11.38 -7.50 13.35
CA ASP D 153 9.95 -7.60 13.59
C ASP D 153 9.74 -8.20 14.98
N ILE D 154 10.48 -9.26 15.29
CA ILE D 154 10.33 -9.94 16.58
C ILE D 154 10.60 -8.95 17.73
N LEU D 155 11.51 -7.99 17.53
CA LEU D 155 11.81 -6.97 18.53
C LEU D 155 10.60 -6.05 18.76
N SER D 156 10.00 -5.54 17.68
CA SER D 156 8.86 -4.62 17.77
C SER D 156 7.69 -5.27 18.52
N THR D 157 7.45 -6.56 18.27
CA THR D 157 6.32 -7.22 18.86
C THR D 157 6.59 -7.55 20.32
N SER D 158 7.69 -7.06 20.88
CA SER D 158 8.03 -7.39 22.25
C SER D 158 7.34 -6.44 23.23
N GLY D 159 7.17 -6.90 24.48
CA GLY D 159 6.97 -6.03 25.62
C GLY D 159 8.03 -4.92 25.70
N THR D 160 7.80 -3.94 26.59
CA THR D 160 8.75 -2.84 26.78
C THR D 160 10.09 -3.43 27.23
N VAL D 161 9.99 -4.45 28.09
CA VAL D 161 11.12 -5.23 28.58
C VAL D 161 11.52 -6.23 27.50
N VAL D 162 12.77 -6.09 27.00
CA VAL D 162 13.34 -6.95 25.95
C VAL D 162 14.59 -7.67 26.47
N THR D 163 14.61 -8.99 26.43
CA THR D 163 15.82 -9.72 26.76
C THR D 163 16.41 -10.36 25.51
N ILE D 164 17.72 -10.16 25.25
CA ILE D 164 18.33 -10.85 24.12
C ILE D 164 19.48 -11.73 24.62
N THR D 165 19.52 -12.97 24.12
CA THR D 165 20.64 -13.85 24.36
C THR D 165 21.70 -13.68 23.29
N ILE D 166 22.91 -13.34 23.74
CA ILE D 166 24.01 -13.12 22.81
C ILE D 166 25.07 -14.19 22.99
N MET D 167 25.90 -14.31 21.94
CA MET D 167 27.04 -15.20 21.86
C MET D 167 28.16 -14.46 21.10
N PRO D 168 29.43 -14.60 21.53
CA PRO D 168 30.55 -14.00 20.81
C PRO D 168 30.69 -14.58 19.40
N ALA D 169 30.89 -13.68 18.43
CA ALA D 169 30.84 -14.00 17.00
C ALA D 169 31.69 -15.21 16.62
N PHE D 170 32.92 -15.29 17.16
N PHE D 170 32.91 -15.29 17.19
CA PHE D 170 33.88 -16.29 16.72
CA PHE D 170 33.90 -16.27 16.76
C PHE D 170 33.43 -17.69 17.14
C PHE D 170 33.49 -17.68 17.18
N ILE D 171 32.74 -17.79 18.28
CA ILE D 171 32.25 -19.07 18.75
C ILE D 171 31.04 -19.49 17.93
N PHE D 172 30.19 -18.48 17.62
CA PHE D 172 29.00 -18.68 16.81
C PHE D 172 29.39 -19.31 15.47
N GLU D 173 30.30 -18.63 14.76
CA GLU D 173 30.83 -19.15 13.51
C GLU D 173 31.22 -20.61 13.71
N HIS D 174 31.93 -20.90 14.80
CA HIS D 174 32.37 -22.26 15.02
C HIS D 174 31.14 -23.18 15.15
N ILE D 175 30.02 -22.73 15.73
CA ILE D 175 28.91 -23.63 16.03
C ILE D 175 28.14 -23.95 14.76
N ILE D 176 27.86 -22.93 13.93
CA ILE D 176 27.03 -23.16 12.76
C ILE D 176 27.82 -23.83 11.61
N LYS D 177 29.15 -23.88 11.66
CA LYS D 177 29.93 -24.57 10.63
C LYS D 177 29.46 -26.01 10.47
N ARG D 178 29.41 -26.51 9.23
CA ARG D 178 29.06 -27.90 8.93
C ARG D 178 27.55 -28.08 9.04
N MET D 179 26.79 -27.05 8.63
CA MET D 179 25.33 -27.09 8.66
C MET D 179 24.79 -26.24 7.50
N ALA D 180 24.10 -26.90 6.58
CA ALA D 180 23.58 -26.24 5.39
C ALA D 180 22.53 -25.19 5.77
N PRO D 181 22.65 -23.94 5.25
CA PRO D 181 21.59 -22.94 5.44
C PRO D 181 20.15 -23.38 5.14
N SER D 182 19.99 -24.21 4.11
CA SER D 182 18.74 -24.86 3.77
C SER D 182 18.11 -25.52 5.00
N ILE D 183 18.93 -26.31 5.70
CA ILE D 183 18.50 -27.06 6.86
C ILE D 183 18.25 -26.14 8.05
N MET D 184 19.14 -25.15 8.21
CA MET D 184 19.06 -24.19 9.29
C MET D 184 17.71 -23.49 9.21
N LYS D 185 17.28 -23.11 8.00
CA LYS D 185 16.07 -22.31 7.83
C LYS D 185 14.81 -23.15 7.68
N SER D 186 14.93 -24.48 7.54
CA SER D 186 13.76 -25.31 7.34
C SER D 186 13.48 -26.22 8.53
N LEU D 187 14.42 -26.36 9.47
CA LEU D 187 14.23 -27.30 10.58
C LEU D 187 14.26 -26.62 11.96
N MET D 188 14.90 -25.44 12.07
CA MET D 188 15.28 -24.88 13.37
C MET D 188 14.04 -24.41 14.13
N ASP D 189 13.85 -25.00 15.32
CA ASP D 189 12.81 -24.60 16.26
C ASP D 189 12.80 -23.11 16.55
N HIS D 190 11.64 -22.46 16.34
CA HIS D 190 11.47 -21.04 16.63
C HIS D 190 10.19 -20.78 17.41
N THR D 191 9.77 -21.79 18.17
CA THR D 191 8.48 -21.74 18.85
C THR D 191 8.57 -20.85 20.09
N ILE D 192 7.41 -20.50 20.64
CA ILE D 192 7.28 -19.83 21.93
C ILE D 192 6.18 -20.57 22.67
N PRO D 193 6.14 -20.56 24.02
CA PRO D 193 5.12 -21.32 24.75
C PRO D 193 3.68 -20.88 24.50
N GLU D 194 3.45 -19.58 24.22
CA GLU D 194 2.13 -19.04 23.92
C GLU D 194 2.24 -17.61 23.42
N VAL D 195 1.18 -17.12 22.75
CA VAL D 195 1.10 -15.71 22.41
C VAL D 195 0.30 -15.01 23.53
#